data_1KYC
# 
_entry.id   1KYC 
# 
_audit_conform.dict_name       mmcif_pdbx.dic 
_audit_conform.dict_version    5.376 
_audit_conform.dict_location   http://mmcif.pdb.org/dictionaries/ascii/mmcif_pdbx.dic 
# 
loop_
_database_2.database_id 
_database_2.database_code 
_database_2.pdbx_database_accession 
_database_2.pdbx_DOI 
PDB   1KYC         pdb_00001kyc 10.2210/pdb1kyc/pdb 
RCSB  RCSB015463   ?            ?                   
WWPDB D_1000015463 ?            ?                   
# 
_pdbx_database_related.db_name        PDB 
_pdbx_database_related.db_id          1HQJ 
_pdbx_database_related.details        
;CRYSTAL STRUCTURE OF A DE NOVO DESIGNED TRIMERIC COILED- 
COIL PEPTIDE
;
_pdbx_database_related.content_type   unspecified 
# 
_pdbx_database_status.status_code                     REL 
_pdbx_database_status.entry_id                        1KYC 
_pdbx_database_status.recvd_initial_deposition_date   2002-02-04 
_pdbx_database_status.deposit_site                    RCSB 
_pdbx_database_status.process_site                    RCSB 
_pdbx_database_status.status_code_sf                  REL 
_pdbx_database_status.SG_entry                        . 
_pdbx_database_status.pdb_format_compatible           Y 
_pdbx_database_status.status_code_mr                  ? 
_pdbx_database_status.status_code_cs                  ? 
_pdbx_database_status.status_code_nmr_data            ? 
_pdbx_database_status.methods_development_category    ? 
# 
loop_
_audit_author.name 
_audit_author.pdbx_ordinal 
'Burkhard, P.'   1 
'Ivaninskii, S.' 2 
'Lustig, A.'     3 
# 
loop_
_citation.id 
_citation.title 
_citation.journal_abbrev 
_citation.journal_volume 
_citation.page_first 
_citation.page_last 
_citation.year 
_citation.journal_id_ASTM 
_citation.country 
_citation.journal_id_ISSN 
_citation.journal_id_CSD 
_citation.book_publisher 
_citation.pdbx_database_id_PubMed 
_citation.pdbx_database_id_DOI 
primary 'Improving coiled-coil stability by optimizing ionic interactions.'             J.Mol.Biol.    318 901  910  2002 JMOBAK 
UK 0022-2836 0070 ? 12054832 '10.1016/S0022-2836(02)00114-6' 
1       
;Design of a Minimal Protein Oligomerization Domain  
by a Structural Approach
;
'Protein Sci.' 9   2294 2301 2000 PRCIEI US 0961-8368 0795 ? ?        ?                               
# 
loop_
_citation_author.citation_id 
_citation_author.name 
_citation_author.ordinal 
_citation_author.identifier_ORCID 
primary 'Burkhard, P.'   1 ? 
primary 'Ivaninskii, S.' 2 ? 
primary 'Lustig, A.'     3 ? 
1       'Burkhard, P.'   4 ? 
1       'Meier, M.'      5 ? 
1       'Lustig, A.'     6 ? 
# 
_cell.entry_id           1KYC 
_cell.length_a           33.386 
_cell.length_b           33.386 
_cell.length_c           65.691 
_cell.angle_alpha        90.00 
_cell.angle_beta         90.00 
_cell.angle_gamma        120.00 
_cell.Z_PDB              18 
_cell.pdbx_unique_axis   ? 
# 
_symmetry.entry_id                         1KYC 
_symmetry.space_group_name_H-M             'H 3 2' 
_symmetry.pdbx_full_space_group_name_H-M   ? 
_symmetry.cell_setting                     ? 
_symmetry.Int_Tables_number                155 
# 
loop_
_entity.id 
_entity.type 
_entity.src_method 
_entity.pdbx_description 
_entity.formula_weight 
_entity.pdbx_number_of_molecules 
_entity.pdbx_ec 
_entity.pdbx_mutation 
_entity.pdbx_fragment 
_entity.details 
1 polymer     syn SIN-GLU-GLU-LEU-ARG-ARG-ARG-ILE-GLU-GLU-LEU-GLU-ARG-ARG-ILE-ARG-NH2 2057.386 1  ? ? ? ? 
2 non-polymer syn 'SULFATE ION'                                                       96.063   2  ? ? ? ? 
3 non-polymer syn 'SUCCINIC ACID'                                                     118.088  1  ? ? ? ? 
4 water       nat water                                                               18.015   23 ? ? ? ? 
# 
_entity_poly.entity_id                      1 
_entity_poly.type                           'polypeptide(L)' 
_entity_poly.nstd_linkage                   no 
_entity_poly.nstd_monomer                   yes 
_entity_poly.pdbx_seq_one_letter_code       'EELRRRIEELERRIR(NH2)' 
_entity_poly.pdbx_seq_one_letter_code_can   EELRRRIEELERRIRX 
_entity_poly.pdbx_strand_id                 A 
_entity_poly.pdbx_target_identifier         ? 
# 
loop_
_entity_poly_seq.entity_id 
_entity_poly_seq.num 
_entity_poly_seq.mon_id 
_entity_poly_seq.hetero 
1 1  GLU n 
1 2  GLU n 
1 3  LEU n 
1 4  ARG n 
1 5  ARG n 
1 6  ARG n 
1 7  ILE n 
1 8  GLU n 
1 9  GLU n 
1 10 LEU n 
1 11 GLU n 
1 12 ARG n 
1 13 ARG n 
1 14 ILE n 
1 15 ARG n 
1 16 NH2 n 
# 
_pdbx_entity_src_syn.entity_id              1 
_pdbx_entity_src_syn.pdbx_src_id            1 
_pdbx_entity_src_syn.pdbx_alt_source_flag   sample 
_pdbx_entity_src_syn.pdbx_beg_seq_num       1 
_pdbx_entity_src_syn.pdbx_end_seq_num       16 
_pdbx_entity_src_syn.organism_scientific    'synthetic construct' 
_pdbx_entity_src_syn.organism_common_name   ? 
_pdbx_entity_src_syn.ncbi_taxonomy_id       32630 
_pdbx_entity_src_syn.details                'This peptide was chemically synthesized.' 
# 
_struct_ref.id                         1 
_struct_ref.db_name                    PDB 
_struct_ref.db_code                    1KYC 
_struct_ref.pdbx_db_accession          1KYC 
_struct_ref.pdbx_db_isoform            ? 
_struct_ref.entity_id                  1 
_struct_ref.pdbx_seq_one_letter_code   ? 
_struct_ref.pdbx_align_begin           1 
# 
_struct_ref_seq.align_id                      1 
_struct_ref_seq.ref_id                        1 
_struct_ref_seq.pdbx_PDB_id_code              1KYC 
_struct_ref_seq.pdbx_strand_id                A 
_struct_ref_seq.seq_align_beg                 1 
_struct_ref_seq.pdbx_seq_align_beg_ins_code   ? 
_struct_ref_seq.seq_align_end                 16 
_struct_ref_seq.pdbx_seq_align_end_ins_code   ? 
_struct_ref_seq.pdbx_db_accession             1KYC 
_struct_ref_seq.db_align_beg                  1 
_struct_ref_seq.pdbx_db_align_beg_ins_code    ? 
_struct_ref_seq.db_align_end                  16 
_struct_ref_seq.pdbx_db_align_end_ins_code    ? 
_struct_ref_seq.pdbx_auth_seq_align_beg       1 
_struct_ref_seq.pdbx_auth_seq_align_end       16 
# 
loop_
_chem_comp.id 
_chem_comp.type 
_chem_comp.mon_nstd_flag 
_chem_comp.name 
_chem_comp.pdbx_synonyms 
_chem_comp.formula 
_chem_comp.formula_weight 
ARG 'L-peptide linking' y ARGININE        ? 'C6 H15 N4 O2 1' 175.209 
GLU 'L-peptide linking' y 'GLUTAMIC ACID' ? 'C5 H9 N O4'     147.129 
HOH non-polymer         . WATER           ? 'H2 O'           18.015  
ILE 'L-peptide linking' y ISOLEUCINE      ? 'C6 H13 N O2'    131.173 
LEU 'L-peptide linking' y LEUCINE         ? 'C6 H13 N O2'    131.173 
NH2 non-polymer         . 'AMINO GROUP'   ? 'H2 N'           16.023  
SIN non-polymer         . 'SUCCINIC ACID' ? 'C4 H6 O4'       118.088 
SO4 non-polymer         . 'SULFATE ION'   ? 'O4 S -2'        96.063  
# 
_exptl.entry_id          1KYC 
_exptl.method            'X-RAY DIFFRACTION' 
_exptl.crystals_number   1 
# 
_exptl_crystal.id                    1 
_exptl_crystal.density_meas          ? 
_exptl_crystal.density_Matthews      1.71 
_exptl_crystal.density_percent_sol   28.17 
_exptl_crystal.description           ? 
# 
_exptl_crystal_grow.crystal_id      1 
_exptl_crystal_grow.method          'VAPOR DIFFUSION, HANGING DROP' 
_exptl_crystal_grow.temp            298 
_exptl_crystal_grow.temp_details    ? 
_exptl_crystal_grow.pH              7.5 
_exptl_crystal_grow.pdbx_details    'ammonium sulfate, HEPES, pH 7.5, VAPOR DIFFUSION, HANGING DROP, temperature 298K' 
_exptl_crystal_grow.pdbx_pH_range   . 
# 
_diffrn.id                     1 
_diffrn.ambient_temp           100.0 
_diffrn.ambient_temp_details   ? 
_diffrn.crystal_id             1 
# 
_diffrn_detector.diffrn_id              1 
_diffrn_detector.detector               'IMAGE PLATE' 
_diffrn_detector.type                   MARRESEARCH 
_diffrn_detector.pdbx_collection_date   2001-01-05 
_diffrn_detector.details                ? 
# 
_diffrn_radiation.diffrn_id                        1 
_diffrn_radiation.wavelength_id                    1 
_diffrn_radiation.pdbx_monochromatic_or_laue_m_l   M 
_diffrn_radiation.monochromator                    GRAPHITE 
_diffrn_radiation.pdbx_diffrn_protocol             'SINGLE WAVELENGTH' 
_diffrn_radiation.pdbx_scattering_type             x-ray 
# 
_diffrn_radiation_wavelength.id           1 
_diffrn_radiation_wavelength.wavelength   1.5418 
_diffrn_radiation_wavelength.wt           1.0 
# 
_diffrn_source.diffrn_id                   1 
_diffrn_source.source                      'ROTATING ANODE' 
_diffrn_source.type                        'ELLIOTT GX-21' 
_diffrn_source.pdbx_synchrotron_site       ? 
_diffrn_source.pdbx_synchrotron_beamline   ? 
_diffrn_source.pdbx_wavelength             ? 
_diffrn_source.pdbx_wavelength_list        1.5418 
# 
_reflns.entry_id                     1KYC 
_reflns.observed_criterion_sigma_I   -3 
_reflns.observed_criterion_sigma_F   ? 
_reflns.d_resolution_low             30.000 
_reflns.d_resolution_high            1.450 
_reflns.number_obs                   2574 
_reflns.number_all                   ? 
_reflns.percent_possible_obs         96.2 
_reflns.pdbx_Rmerge_I_obs            ? 
_reflns.pdbx_Rsym_value              0.5400000 
_reflns.pdbx_netI_over_sigmaI        20.0 
_reflns.B_iso_Wilson_estimate        ? 
_reflns.pdbx_redundancy              10 
_reflns.R_free_details               ? 
_reflns.limit_h_max                  ? 
_reflns.limit_h_min                  ? 
_reflns.limit_k_max                  ? 
_reflns.limit_k_min                  ? 
_reflns.limit_l_max                  ? 
_reflns.limit_l_min                  ? 
_reflns.observed_criterion_F_max     ? 
_reflns.observed_criterion_F_min     ? 
_reflns.pdbx_diffrn_id               1 
_reflns.pdbx_ordinal                 1 
# 
_reflns_shell.d_res_high             1.45 
_reflns_shell.d_res_low              1.5 
_reflns_shell.percent_possible_all   72.1 
_reflns_shell.Rmerge_I_obs           ? 
_reflns_shell.pdbx_Rsym_value        0.1310000 
_reflns_shell.meanI_over_sigI_obs    7.0 
_reflns_shell.pdbx_redundancy        2.3 
_reflns_shell.percent_possible_obs   ? 
_reflns_shell.number_unique_all      ? 
_reflns_shell.pdbx_diffrn_id         ? 
_reflns_shell.pdbx_ordinal           1 
# 
_refine.entry_id                                 1KYC 
_refine.ls_number_reflns_obs                     2574 
_refine.ls_number_reflns_all                     ? 
_refine.pdbx_ls_sigma_I                          ? 
_refine.pdbx_ls_sigma_F                          0 
_refine.pdbx_data_cutoff_high_absF               ? 
_refine.pdbx_data_cutoff_low_absF                ? 
_refine.ls_d_res_low                             30.00 
_refine.ls_d_res_high                            1.45 
_refine.ls_percent_reflns_obs                    ? 
_refine.ls_R_factor_obs                          ? 
_refine.ls_R_factor_all                          ? 
_refine.ls_R_factor_R_work                       0.1660000 
_refine.ls_R_factor_R_free                       0.2170000 
_refine.ls_R_factor_R_free_error                 ? 
_refine.ls_R_factor_R_free_error_details         ? 
_refine.ls_percent_reflns_R_free                 5.000 
_refine.ls_number_reflns_R_free                  ? 
_refine.ls_number_parameters                     1680 
_refine.ls_number_restraints                     2133 
_refine.occupancy_min                            ? 
_refine.occupancy_max                            ? 
_refine.B_iso_mean                               ? 
_refine.aniso_B[1][1]                            ? 
_refine.aniso_B[2][2]                            ? 
_refine.aniso_B[3][3]                            ? 
_refine.aniso_B[1][2]                            ? 
_refine.aniso_B[1][3]                            ? 
_refine.aniso_B[2][3]                            ? 
_refine.solvent_model_details                    ? 
_refine.solvent_model_param_ksol                 ? 
_refine.solvent_model_param_bsol                 ? 
_refine.pdbx_ls_cross_valid_method               ? 
_refine.details                                  ? 
_refine.pdbx_starting_model                      'PDB ENTRY 1HQJ' 
_refine.pdbx_method_to_determine_struct          'MOLECULAR REPLACEMENT' 
_refine.pdbx_isotropic_thermal_model             ? 
_refine.pdbx_stereochemistry_target_values       ? 
_refine.pdbx_stereochem_target_val_spec_case     ? 
_refine.pdbx_R_Free_selection_details            ? 
_refine.pdbx_overall_ESU_R_Free                  ? 
_refine.overall_SU_B                             ? 
_refine.ls_redundancy_reflns_obs                 ? 
_refine.B_iso_min                                ? 
_refine.B_iso_max                                ? 
_refine.correlation_coeff_Fo_to_Fc               ? 
_refine.overall_SU_R_Cruickshank_DPI             ? 
_refine.overall_SU_R_free                        ? 
_refine.overall_SU_ML                            ? 
_refine.pdbx_overall_ESU_R                       ? 
_refine.pdbx_data_cutoff_high_rms_absF           ? 
_refine.correlation_coeff_Fo_to_Fc_free          ? 
_refine.pdbx_solvent_vdw_probe_radii             ? 
_refine.pdbx_solvent_ion_probe_radii             ? 
_refine.pdbx_solvent_shrinkage_radii             ? 
_refine.pdbx_refine_id                           'X-RAY DIFFRACTION' 
_refine.pdbx_diffrn_id                           1 
_refine.pdbx_TLS_residual_ADP_flag               ? 
_refine.pdbx_overall_phase_error                 ? 
_refine.pdbx_overall_SU_R_free_Cruickshank_DPI   ? 
_refine.pdbx_overall_SU_R_Blow_DPI               ? 
_refine.pdbx_overall_SU_R_free_Blow_DPI          ? 
# 
_refine_analyze.entry_id                        1KYC 
_refine_analyze.Luzzati_coordinate_error_obs    ? 
_refine_analyze.Luzzati_sigma_a_obs             ? 
_refine_analyze.Luzzati_d_res_low_obs           ? 
_refine_analyze.Luzzati_coordinate_error_free   ? 
_refine_analyze.Luzzati_sigma_a_free            ? 
_refine_analyze.Luzzati_d_res_low_free          ? 
_refine_analyze.number_disordered_residues      1 
_refine_analyze.occupancy_sum_hydrogen          1384.00 
_refine_analyze.occupancy_sum_non_hydrogen      1815.00 
_refine_analyze.pdbx_Luzzati_d_res_high_obs     ? 
_refine_analyze.pdbx_refine_id                  'X-RAY DIFFRACTION' 
# 
_refine_hist.pdbx_refine_id                   'X-RAY DIFFRACTION' 
_refine_hist.cycle_id                         LAST 
_refine_hist.pdbx_number_atoms_protein        138 
_refine_hist.pdbx_number_atoms_nucleic_acid   0 
_refine_hist.pdbx_number_atoms_ligand         17 
_refine_hist.number_atoms_solvent             23 
_refine_hist.number_atoms_total               178 
_refine_hist.d_res_high                       1.45 
_refine_hist.d_res_low                        30.00 
# 
loop_
_refine_ls_restr.type 
_refine_ls_restr.dev_ideal 
_refine_ls_restr.dev_ideal_target 
_refine_ls_restr.weight 
_refine_ls_restr.number 
_refine_ls_restr.pdbx_refine_id 
_refine_ls_restr.pdbx_restraint_function 
s_bond_d  0.007 ? ? ? 'X-RAY DIFFRACTION' ? 
s_angle_d 1.4   ? ? ? 'X-RAY DIFFRACTION' ? 
# 
_pdbx_refine.entry_id                                    1KYC 
_pdbx_refine.R_factor_all_no_cutoff                      0.1700000 
_pdbx_refine.R_factor_obs_no_cutoff                      ? 
_pdbx_refine.free_R_factor_no_cutoff                     0.2230000 
_pdbx_refine.free_R_val_test_set_size_perc_no_cutoff     5.000 
_pdbx_refine.free_R_val_test_set_ct_no_cutoff            ? 
_pdbx_refine.R_factor_all_4sig_cutoff                    0.1660000 
_pdbx_refine.R_factor_obs_4sig_cutoff                    ? 
_pdbx_refine.free_R_factor_4sig_cutoff                   0.2180000 
_pdbx_refine.free_R_val_test_set_size_perc_4sig_cutoff   ? 
_pdbx_refine.free_R_val_test_set_ct_4sig_cutoff          5 
_pdbx_refine.number_reflns_obs_4sig_cutoff               3493 
_pdbx_refine.number_reflns_obs_no_cutoff                 ? 
_pdbx_refine.pdbx_refine_id                              'X-RAY DIFFRACTION' 
_pdbx_refine.free_R_error_no_cutoff                      ? 
# 
_struct.entry_id                  1KYC 
_struct.title                     
'CRYSTAL STRUCTURE OF A DE NOVO DESIGNED TRIMERIC COILED-COIL PEPTIDE STABLIZED BY IONIC INTERACTIONS' 
_struct.pdbx_model_details        ? 
_struct.pdbx_CASP_flag            ? 
_struct.pdbx_model_type_details   ? 
# 
_struct_keywords.entry_id        1KYC 
_struct_keywords.pdbx_keywords   'DE NOVO PROTEIN' 
_struct_keywords.text            'COILED COIL, DE NOVO DESIGN, ALPHA-HELIX, TRIMER, DE NOVO PROTEIN' 
# 
loop_
_struct_asym.id 
_struct_asym.pdbx_blank_PDB_chainid_flag 
_struct_asym.pdbx_modified 
_struct_asym.entity_id 
_struct_asym.details 
A N N 1 ? 
B N N 2 ? 
C N N 2 ? 
D N N 3 ? 
E N N 4 ? 
# 
_struct_biol.id                    1 
_struct_biol.pdbx_parent_biol_id   ? 
_struct_biol.details               ? 
# 
_struct_conf.conf_type_id            HELX_P 
_struct_conf.id                      HELX_P1 
_struct_conf.pdbx_PDB_helix_id       1 
_struct_conf.beg_label_comp_id       GLU 
_struct_conf.beg_label_asym_id       A 
_struct_conf.beg_label_seq_id        1 
_struct_conf.pdbx_beg_PDB_ins_code   ? 
_struct_conf.end_label_comp_id       ARG 
_struct_conf.end_label_asym_id       A 
_struct_conf.end_label_seq_id        15 
_struct_conf.pdbx_end_PDB_ins_code   ? 
_struct_conf.beg_auth_comp_id        GLU 
_struct_conf.beg_auth_asym_id        A 
_struct_conf.beg_auth_seq_id         1 
_struct_conf.end_auth_comp_id        ARG 
_struct_conf.end_auth_asym_id        A 
_struct_conf.end_auth_seq_id         15 
_struct_conf.pdbx_PDB_helix_class    1 
_struct_conf.details                 ? 
_struct_conf.pdbx_PDB_helix_length   15 
# 
_struct_conf_type.id          HELX_P 
_struct_conf_type.criteria    ? 
_struct_conf_type.reference   ? 
# 
loop_
_struct_conn.id 
_struct_conn.conn_type_id 
_struct_conn.pdbx_leaving_atom_flag 
_struct_conn.pdbx_PDB_id 
_struct_conn.ptnr1_label_asym_id 
_struct_conn.ptnr1_label_comp_id 
_struct_conn.ptnr1_label_seq_id 
_struct_conn.ptnr1_label_atom_id 
_struct_conn.pdbx_ptnr1_label_alt_id 
_struct_conn.pdbx_ptnr1_PDB_ins_code 
_struct_conn.pdbx_ptnr1_standard_comp_id 
_struct_conn.ptnr1_symmetry 
_struct_conn.ptnr2_label_asym_id 
_struct_conn.ptnr2_label_comp_id 
_struct_conn.ptnr2_label_seq_id 
_struct_conn.ptnr2_label_atom_id 
_struct_conn.pdbx_ptnr2_label_alt_id 
_struct_conn.pdbx_ptnr2_PDB_ins_code 
_struct_conn.ptnr1_auth_asym_id 
_struct_conn.ptnr1_auth_comp_id 
_struct_conn.ptnr1_auth_seq_id 
_struct_conn.ptnr2_auth_asym_id 
_struct_conn.ptnr2_auth_comp_id 
_struct_conn.ptnr2_auth_seq_id 
_struct_conn.ptnr2_symmetry 
_struct_conn.pdbx_ptnr3_label_atom_id 
_struct_conn.pdbx_ptnr3_label_seq_id 
_struct_conn.pdbx_ptnr3_label_comp_id 
_struct_conn.pdbx_ptnr3_label_asym_id 
_struct_conn.pdbx_ptnr3_label_alt_id 
_struct_conn.pdbx_ptnr3_PDB_ins_code 
_struct_conn.details 
_struct_conn.pdbx_dist_value 
_struct_conn.pdbx_value_order 
_struct_conn.pdbx_role 
covale1 covale both ? D SIN .  C1 ? ? ? 1_555 A GLU 1  N ? ? A SIN 0  A GLU 1  1_555 ? ? ? ? ? ? ? 1.329 ? ? 
covale2 covale both ? A ARG 15 C  ? ? ? 1_555 A NH2 16 N ? ? A ARG 15 A NH2 16 1_555 ? ? ? ? ? ? ? 1.254 ? ? 
# 
_struct_conn_type.id          covale 
_struct_conn_type.criteria    ? 
_struct_conn_type.reference   ? 
# 
loop_
_struct_site.id 
_struct_site.pdbx_evidence_code 
_struct_site.pdbx_auth_asym_id 
_struct_site.pdbx_auth_comp_id 
_struct_site.pdbx_auth_seq_id 
_struct_site.pdbx_auth_ins_code 
_struct_site.pdbx_num_residues 
_struct_site.details 
AC1 Software A SO4 101 ? 8  'BINDING SITE FOR RESIDUE SO4 A 101' 
AC2 Software A SO4 102 ? 8  'BINDING SITE FOR RESIDUE SO4 A 102' 
AC3 Software A SIN 0   ? 10 'BINDING SITE FOR RESIDUE SIN A 0'   
# 
loop_
_struct_site_gen.id 
_struct_site_gen.site_id 
_struct_site_gen.pdbx_num_res 
_struct_site_gen.label_comp_id 
_struct_site_gen.label_asym_id 
_struct_site_gen.label_seq_id 
_struct_site_gen.pdbx_auth_ins_code 
_struct_site_gen.auth_comp_id 
_struct_site_gen.auth_asym_id 
_struct_site_gen.auth_seq_id 
_struct_site_gen.label_atom_id 
_struct_site_gen.label_alt_id 
_struct_site_gen.symmetry 
_struct_site_gen.details 
1  AC1 8  ARG A 13 ? ARG A 13  . ? 3_675  ? 
2  AC1 8  ARG A 13 ? ARG A 13  . ? 16_555 ? 
3  AC1 8  ARG A 15 ? ARG A 15  . ? 17_675 ? 
4  AC1 8  ARG A 15 ? ARG A 15  . ? 1_555  ? 
5  AC1 8  HOH E .  ? HOH A 106 . ? 12_665 ? 
6  AC1 8  HOH E .  ? HOH A 106 . ? 8_665  ? 
7  AC1 8  HOH E .  ? HOH A 119 . ? 17_675 ? 
8  AC1 8  HOH E .  ? HOH A 119 . ? 1_555  ? 
9  AC2 8  ARG A 5  ? ARG A 5   . ? 1_555  ? 
10 AC2 8  ARG A 5  ? ARG A 5   . ? 11_565 ? 
11 AC2 8  ARG A 6  ? ARG A 6   . ? 1_555  ? 
12 AC2 8  ARG A 6  ? ARG A 6   . ? 11_565 ? 
13 AC2 8  HOH E .  ? HOH A 107 . ? 12_655 ? 
14 AC2 8  HOH E .  ? HOH A 107 . ? 2_765  ? 
15 AC2 8  HOH E .  ? HOH A 121 . ? 11_565 ? 
16 AC2 8  HOH E .  ? HOH A 121 . ? 1_555  ? 
17 AC3 10 GLU A 1  ? GLU A 1   . ? 1_555  ? 
18 AC3 10 GLU A 2  ? GLU A 2   . ? 1_555  ? 
19 AC3 10 LEU A 3  ? LEU A 3   . ? 1_555  ? 
20 AC3 10 LEU A 3  ? LEU A 3   . ? 3_675  ? 
21 AC3 10 ARG A 4  ? ARG A 4   . ? 1_555  ? 
22 AC3 10 HOH E .  ? HOH A 109 . ? 1_555  ? 
23 AC3 10 HOH E .  ? HOH A 113 . ? 1_555  ? 
24 AC3 10 HOH E .  ? HOH A 114 . ? 1_555  ? 
25 AC3 10 HOH E .  ? HOH A 117 . ? 2_765  ? 
26 AC3 10 HOH E .  ? HOH A 123 . ? 1_555  ? 
# 
_atom_sites.entry_id                    1KYC 
_atom_sites.fract_transf_matrix[1][1]   -0.00577312 
_atom_sites.fract_transf_matrix[1][2]   0.01876448 
_atom_sites.fract_transf_matrix[1][3]   -0.02847447 
_atom_sites.fract_transf_matrix[2][1]   0.00944744 
_atom_sites.fract_transf_matrix[2][2]   -0.01219369 
_atom_sites.fract_transf_matrix[2][3]   -0.03095563 
_atom_sites.fract_transf_matrix[3][1]   -0.01363775 
_atom_sites.fract_transf_matrix[3][2]   -0.00657912 
_atom_sites.fract_transf_matrix[3][3]   -0.00157057 
_atom_sites.fract_transf_vector[1]      0.794597 
_atom_sites.fract_transf_vector[2]      0.939250 
_atom_sites.fract_transf_vector[3]      0.207986 
# 
loop_
_atom_type.symbol 
C 
N 
O 
S 
# 
loop_
_atom_site.group_PDB 
_atom_site.id 
_atom_site.type_symbol 
_atom_site.label_atom_id 
_atom_site.label_alt_id 
_atom_site.label_comp_id 
_atom_site.label_asym_id 
_atom_site.label_entity_id 
_atom_site.label_seq_id 
_atom_site.pdbx_PDB_ins_code 
_atom_site.Cartn_x 
_atom_site.Cartn_y 
_atom_site.Cartn_z 
_atom_site.occupancy 
_atom_site.B_iso_or_equiv 
_atom_site.pdbx_formal_charge 
_atom_site.auth_seq_id 
_atom_site.auth_comp_id 
_atom_site.auth_asym_id 
_atom_site.auth_atom_id 
_atom_site.pdbx_PDB_model_num 
ATOM   1   N N   . GLU A 1 1  ? 9.659   4.876  3.214   1.00 18.32 ? 1   GLU A N   1 
ATOM   2   C CA  . GLU A 1 1  ? 8.812   3.973  3.967   1.00 16.97 ? 1   GLU A CA  1 
ATOM   3   C C   . GLU A 1 1  ? 7.379   4.463  4.123   1.00 15.25 ? 1   GLU A C   1 
ATOM   4   O O   . GLU A 1 1  ? 6.439   3.679  3.964   1.00 14.22 ? 1   GLU A O   1 
ATOM   5   C CB  . GLU A 1 1  ? 9.377   3.707  5.375   1.00 17.54 ? 1   GLU A CB  1 
ATOM   6   C CG  . GLU A 1 1  ? 8.500   2.829  6.261   1.00 19.79 ? 1   GLU A CG  1 
ATOM   7   C CD  . GLU A 1 1  ? 8.466   1.381  5.817   1.00 20.81 ? 1   GLU A CD  1 
ATOM   8   O OE1 . GLU A 1 1  ? 9.458   0.905  5.228   1.00 23.39 ? 1   GLU A OE1 1 
ATOM   9   O OE2 . GLU A 1 1  ? 7.450   0.707  6.058   1.00 21.60 ? 1   GLU A OE2 1 
ATOM   10  N N   . GLU A 1 2  ? 7.173   5.720  4.507   1.00 15.28 ? 2   GLU A N   1 
ATOM   11  C CA  . GLU A 1 2  ? 5.840   6.245  4.732   1.00 14.99 ? 2   GLU A CA  1 
ATOM   12  C C   . GLU A 1 2  ? 4.875   5.985  3.575   1.00 13.85 ? 2   GLU A C   1 
ATOM   13  O O   . GLU A 1 2  ? 3.797   5.391  3.720   1.00 13.88 ? 2   GLU A O   1 
ATOM   14  C CB  . GLU A 1 2  ? 5.930   7.758  4.999   1.00 16.20 ? 2   GLU A CB  1 
ATOM   15  C CG  . GLU A 1 2  ? 4.546   8.343  5.290   1.00 17.22 ? 2   GLU A CG  1 
ATOM   16  C CD  . GLU A 1 2  ? 4.482   9.847  5.262   1.00 17.44 ? 2   GLU A CD  1 
ATOM   17  O OE1 . GLU A 1 2  ? 5.435   10.472 4.756   1.00 18.62 ? 2   GLU A OE1 1 
ATOM   18  O OE2 . GLU A 1 2  ? 3.472   10.414 5.739   1.00 17.26 ? 2   GLU A OE2 1 
ATOM   19  N N   . LEU A 1 3  ? 5.244   6.509  2.406   1.00 13.60 ? 3   LEU A N   1 
ATOM   20  C CA  . LEU A 1 3  ? 4.398   6.351  1.227   1.00 13.04 ? 3   LEU A CA  1 
ATOM   21  C C   . LEU A 1 3  ? 4.423   4.920  0.738   1.00 12.09 ? 3   LEU A C   1 
ATOM   22  O O   . LEU A 1 3  ? 3.384   4.433  0.275   1.00 12.95 ? 3   LEU A O   1 
ATOM   23  C CB  . LEU A 1 3  ? 4.805   7.348  0.137   1.00 12.94 ? 3   LEU A CB  1 
ATOM   24  C CG  . LEU A 1 3  ? 4.695   8.834  0.535   1.00 14.18 ? 3   LEU A CG  1 
ATOM   25  C CD1 . LEU A 1 3  ? 4.885   9.704  -0.695  1.00 15.80 ? 3   LEU A CD1 1 
ATOM   26  C CD2 . LEU A 1 3  ? 3.375   9.175  1.230   1.00 14.74 ? 3   LEU A CD2 1 
ATOM   27  N N   . ARG A 1 4  ? 5.547   4.212  0.852   1.00 11.84 ? 4   ARG A N   1 
ATOM   28  C CA  . ARG A 1 4  ? 5.601   2.813  0.430   1.00 11.09 ? 4   ARG A CA  1 
ATOM   29  C C   . ARG A 1 4  ? 4.585   1.970  1.198   1.00 11.57 ? 4   ARG A C   1 
ATOM   30  O O   . ARG A 1 4  ? 3.841   1.209  0.574   1.00 12.15 ? 4   ARG A O   1 
ATOM   31  C CB  . ARG A 1 4  ? 7.024   2.285  0.665   1.00 12.67 ? 4   ARG A CB  1 
ATOM   32  C CG  . ARG A 1 4  ? 7.193   0.837  0.230   1.00 12.99 ? 4   ARG A CG  1 
ATOM   33  C CD  . ARG A 1 4  ? 8.579   0.289  0.593   1.00 15.25 ? 4   ARG A CD  1 
ATOM   34  N NE  . ARG A 1 4  ? 9.613   0.959  -0.185  1.00 16.07 ? 4   ARG A NE  1 
ATOM   35  C CZ  . ARG A 1 4  ? 9.963   0.702  -1.438  1.00 15.76 ? 4   ARG A CZ  1 
ATOM   36  N NH1 . ARG A 1 4  ? 9.406   -0.278 -2.148  1.00 14.67 ? 4   ARG A NH1 1 
ATOM   37  N NH2 . ARG A 1 4  ? 10.902  1.422  -2.033  1.00 18.05 ? 4   ARG A NH2 1 
ATOM   38  N N   . ARG A 1 5  ? 4.511   2.121  2.521   1.00 12.03 ? 5   ARG A N   1 
ATOM   39  C CA  . ARG A 1 5  ? 3.609   1.296  3.318   1.00 13.88 ? 5   ARG A CA  1 
ATOM   40  C C   . ARG A 1 5  ? 2.158   1.606  2.941   1.00 12.63 ? 5   ARG A C   1 
ATOM   41  O O   . ARG A 1 5  ? 1.354   0.678  2.860   1.00 12.75 ? 5   ARG A O   1 
ATOM   42  C CB  . ARG A 1 5  ? 3.803   1.463  4.820   1.00 17.12 ? 5   ARG A CB  1 
ATOM   43  C CG  . ARG A 1 5  ? 2.961   0.568  5.557   1.00 23.30 ? 5   ARG A CG  1 
ATOM   44  N N   . ARG A 1 6  ? 1.838   2.867  2.680   1.00 12.26 ? 6   ARG A N   1 
ATOM   45  C CA  . ARG A 1 6  ? 0.469   3.226  2.300   1.00 11.93 ? 6   ARG A CA  1 
ATOM   46  C C   . ARG A 1 6  ? 0.119   2.632  0.952   1.00 10.58 ? 6   ARG A C   1 
ATOM   47  O O   . ARG A 1 6  ? -1.022  2.176  0.745   1.00 10.53 ? 6   ARG A O   1 
ATOM   48  C CB  . ARG A 1 6  ? 0.301   4.745  2.392   1.00 12.53 ? 6   ARG A CB  1 
ATOM   49  C CG  . ARG A 1 6  ? 0.162   5.096  3.881   1.00 13.37 ? 6   ARG A CG  1 
ATOM   50  C CD  . ARG A 1 6  ? 0.373   6.578  4.157   1.00 13.47 ? 6   ARG A CD  1 
ATOM   51  N NE  . ARG A 1 6  ? -0.632  7.378  3.450   1.00 12.92 ? 6   ARG A NE  1 
ATOM   52  C CZ  . ARG A 1 6  ? -0.537  8.709  3.381   1.00 12.13 ? 6   ARG A CZ  1 
ATOM   53  N NH1 . ARG A 1 6  ? 0.481   9.338  3.975   1.00 12.26 ? 6   ARG A NH1 1 
ATOM   54  N NH2 . ARG A 1 6  ? -1.466  9.391  2.724   1.00 13.03 ? 6   ARG A NH2 1 
ATOM   55  N N   . ILE A 1 7  ? 1.029   2.651  -0.021  1.00 9.70  ? 7   ILE A N   1 
ATOM   56  C CA  . ILE A 1 7  ? 0.802   1.990  -1.310  1.00 9.50  ? 7   ILE A CA  1 
ATOM   57  C C   . ILE A 1 7  ? 0.581   0.503  -1.082  1.00 10.26 ? 7   ILE A C   1 
ATOM   58  O O   . ILE A 1 7  ? -0.339  -0.101 -1.654  1.00 11.04 ? 7   ILE A O   1 
ATOM   59  C CB  . ILE A 1 7  ? 2.007   2.247  -2.252  1.00 9.70  ? 7   ILE A CB  1 
ATOM   60  C CG1 . ILE A 1 7  ? 2.018   3.726  -2.693  1.00 10.53 ? 7   ILE A CG1 1 
ATOM   61  C CG2 . ILE A 1 7  ? 1.989   1.325  -3.462  1.00 10.64 ? 7   ILE A CG2 1 
ATOM   62  C CD1 . ILE A 1 7  ? 3.352   4.110  -3.319  1.00 12.02 ? 7   ILE A CD1 1 
ATOM   63  N N   . GLU A 1 8  ? 1.434   -0.133 -0.276  1.00 10.13 ? 8   GLU A N   1 
ATOM   64  C CA  . GLU A 1 8  ? 1.312   -1.564 0.023   1.00 10.32 ? 8   GLU A CA  1 
ATOM   65  C C   . GLU A 1 8  ? -0.037  -1.951 0.625   1.00 11.37 ? 8   GLU A C   1 
ATOM   66  O O   . GLU A 1 8  ? -0.583  -3.026 0.323   1.00 12.53 ? 8   GLU A O   1 
ATOM   67  C CB  . GLU A 1 8  ? 2.442   -2.004 0.958   1.00 11.25 ? 8   GLU A CB  1 
ATOM   68  C CG  . GLU A 1 8  ? 3.820   -1.968 0.314   1.00 11.84 ? 8   GLU A CG  1 
ATOM   69  C CD  . GLU A 1 8  ? 4.958   -2.109 1.299   1.00 12.35 ? 8   GLU A CD  1 
ATOM   70  O OE1 . GLU A 1 8  ? 4.742   -1.945 2.522   1.00 13.64 ? 8   GLU A OE1 1 
ATOM   71  O OE2 . GLU A 1 8  ? 6.091   -2.407 0.833   1.00 13.56 ? 8   GLU A OE2 1 
ATOM   72  N N   . GLU A 1 9  ? -0.585  -1.091 1.488   1.00 12.23 ? 9   GLU A N   1 
ATOM   73  C CA  . GLU A 1 9  ? -1.898  -1.361 2.069   1.00 13.66 ? 9   GLU A CA  1 
ATOM   74  C C   . GLU A 1 9  ? -2.998  -1.232 1.022   1.00 13.48 ? 9   GLU A C   1 
ATOM   75  O O   . GLU A 1 9  ? -3.886  -2.098 0.973   1.00 14.29 ? 9   GLU A O   1 
ATOM   76  C CB  . GLU A 1 9  ? -2.170  -0.433 3.250   1.00 16.38 ? 9   GLU A CB  1 
ATOM   77  C CG  . GLU A 1 9  ? -1.231  -0.642 4.426   1.00 21.27 ? 9   GLU A CG  1 
ATOM   78  C CD  . GLU A 1 9  ? -1.298  -1.998 5.076   1.00 25.53 ? 9   GLU A CD  1 
ATOM   79  O OE1 . GLU A 1 9  ? -2.102  -2.864 4.683   1.00 27.92 ? 9   GLU A OE1 1 
ATOM   80  O OE2 . GLU A 1 9  ? -0.519  -2.240 6.027   1.00 28.97 ? 9   GLU A OE2 1 
ATOM   81  N N   . LEU A 1 10 ? -2.900  -0.251 0.121   1.00 12.62 ? 10  LEU A N   1 
ATOM   82  C CA  . LEU A 1 10 ? -3.857  -0.134 -0.970  1.00 12.13 ? 10  LEU A CA  1 
ATOM   83  C C   . LEU A 1 10 ? -3.778  -1.336 -1.903  1.00 11.75 ? 10  LEU A C   1 
ATOM   84  O O   . LEU A 1 10 ? -4.791  -1.870 -2.357  1.00 13.58 ? 10  LEU A O   1 
ATOM   85  C CB  . LEU A 1 10 ? -3.616  1.146  -1.775  1.00 12.85 ? 10  LEU A CB  1 
ATOM   86  C CG  . LEU A 1 10 ? -3.956  2.467  -1.066  1.00 13.36 ? 10  LEU A CG  1 
ATOM   87  C CD1 . LEU A 1 10 ? -3.411  3.643  -1.868  1.00 14.21 ? 10  LEU A CD1 1 
ATOM   88  C CD2 . LEU A 1 10 ? -5.463  2.620  -0.887  1.00 15.91 ? 10  LEU A CD2 1 
ATOM   89  N N   . GLU A 1 11 ? -2.565  -1.817 -2.189  1.00 12.31 ? 11  GLU A N   1 
ATOM   90  C CA  . GLU A 1 11 ? -2.394  -2.959 -3.083  1.00 12.23 ? 11  GLU A CA  1 
ATOM   91  C C   . GLU A 1 11 ? -3.032  -4.228 -2.543  1.00 13.20 ? 11  GLU A C   1 
ATOM   92  O O   . GLU A 1 11 ? -3.598  -5.022 -3.297  1.00 13.33 ? 11  GLU A O   1 
ATOM   93  C CB  . GLU A 1 11 ? -0.901  -3.197 -3.354  1.00 12.23 ? 11  GLU A CB  1 
ATOM   94  C CG  . GLU A 1 11 ? -0.340  -2.141 -4.298  1.00 12.71 ? 11  GLU A CG  1 
ATOM   95  C CD  . GLU A 1 11 ? 1.169   -2.111 -4.340  1.00 11.70 ? 11  GLU A CD  1 
ATOM   96  O OE1 . GLU A 1 11 ? 1.838   -2.447 -3.330  1.00 13.17 ? 11  GLU A OE1 1 
ATOM   97  O OE2 . GLU A 1 11 ? 1.697   -1.694 -5.397  1.00 12.98 ? 11  GLU A OE2 1 
ATOM   98  N N   . ARG A 1 12 ? -2.920  -4.461 -1.242  1.00 14.76 ? 12  ARG A N   1 
ATOM   99  C CA  . ARG A 1 12 ? -3.585  -5.613 -0.628  1.00 16.18 ? 12  ARG A CA  1 
ATOM   100 C C   . ARG A 1 12 ? -5.083  -5.560 -0.860  1.00 17.90 ? 12  ARG A C   1 
ATOM   101 O O   . ARG A 1 12 ? -5.701  -6.599 -1.126  1.00 20.50 ? 12  ARG A O   1 
ATOM   102 C CB  . ARG A 1 12 ? -3.255  -5.640 0.864   1.00 14.89 ? 12  ARG A CB  1 
ATOM   103 C CG  . ARG A 1 12 ? -1.838  -6.140 1.118   1.00 15.14 ? 12  ARG A CG  1 
ATOM   104 C CD  . ARG A 1 12 ? -1.465  -5.986 2.598   1.00 14.36 ? 12  ARG A CD  1 
ATOM   105 N NE  . ARG A 1 12 ? -0.225  -6.708 2.864   1.00 14.60 ? 12  ARG A NE  1 
ATOM   106 C CZ  . ARG A 1 12 ? 0.985   -6.335 2.457   1.00 13.62 ? 12  ARG A CZ  1 
ATOM   107 N NH1 . ARG A 1 12 ? 1.169   -5.212 1.767   1.00 14.51 ? 12  ARG A NH1 1 
ATOM   108 N NH2 . ARG A 1 12 ? 2.030   -7.117 2.758   1.00 14.15 ? 12  ARG A NH2 1 
ATOM   109 N N   . ARG A 1 13 ? -5.701  -4.390 -0.782  1.00 18.35 ? 13  ARG A N   1 
ATOM   110 C CA  . ARG A 1 13 ? -7.140  -4.240 -0.966  1.00 19.86 ? 13  ARG A CA  1 
ATOM   111 C C   . ARG A 1 13 ? -7.585  -4.317 -2.417  1.00 21.39 ? 13  ARG A C   1 
ATOM   112 O O   . ARG A 1 13 ? -8.563  -5.039 -2.708  1.00 24.35 ? 13  ARG A O   1 
ATOM   113 C CB  . ARG A 1 13 ? -7.521  -2.930 -0.255  1.00 21.25 ? 13  ARG A CB  1 
ATOM   114 C CG  . ARG A 1 13 ? -7.299  -3.024 1.244   1.00 21.83 ? 13  ARG A CG  1 
ATOM   115 C CD  . ARG A 1 13 ? -7.082  -1.702 1.949   1.00 23.50 ? 13  ARG A CD  1 
ATOM   116 N NE  . ARG A 1 13 ? -6.994  -1.891 3.396   1.00 22.85 ? 13  ARG A NE  1 
ATOM   117 C CZ  . ARG A 1 13 ? -5.992  -2.425 4.071   1.00 24.48 ? 13  ARG A CZ  1 
ATOM   118 N NH1 . ARG A 1 13 ? -6.030  -2.561 5.388   1.00 25.89 ? 13  ARG A NH1 1 
ATOM   119 N NH2 . ARG A 1 13 ? -4.880  -2.859 3.463   1.00 24.53 ? 13  ARG A NH2 1 
ATOM   120 N N   . ILE A 1 14 ? -6.790  -3.858 -3.373  1.00 21.13 ? 14  ILE A N   1 
ATOM   121 C CA  . ILE A 1 14 ? -7.192  -3.762 -4.774  1.00 20.82 ? 14  ILE A CA  1 
ATOM   122 C C   . ILE A 1 14 ? -6.666  -4.890 -5.652  1.00 20.56 ? 14  ILE A C   1 
ATOM   123 O O   . ILE A 1 14 ? -7.356  -5.332 -6.579  1.00 21.18 ? 14  ILE A O   1 
ATOM   124 C CB  . ILE A 1 14 ? -6.686  -2.433 -5.370  1.00 21.58 ? 14  ILE A CB  1 
ATOM   125 C CG1 . ILE A 1 14 ? -7.278  -1.228 -4.621  1.00 22.61 ? 14  ILE A CG1 1 
ATOM   126 C CG2 . ILE A 1 14 ? -6.972  -2.282 -6.857  1.00 21.81 ? 14  ILE A CG2 1 
ATOM   127 C CD1 . ILE A 1 14 ? -6.254  -0.104 -4.554  1.00 25.15 ? 14  ILE A CD1 1 
ATOM   128 N N   . ARG A 1 15 ? -5.405  -5.273 -5.472  1.00 19.89 ? 15  ARG A N   1 
ATOM   129 C CA  . ARG A 1 15 ? -4.776  -6.262 -6.335  1.00 19.67 ? 15  ARG A CA  1 
ATOM   130 C C   . ARG A 1 15 ? -4.462  -7.578 -5.635  1.00 19.45 ? 15  ARG A C   1 
ATOM   131 O O   . ARG A 1 15 ? -4.235  -8.581 -6.357  1.00 18.91 ? 15  ARG A O   1 
ATOM   132 C CB  . ARG A 1 15 ? -3.474  -5.695 -6.928  1.00 18.97 ? 15  ARG A CB  1 
ATOM   133 C CG  . ARG A 1 15 ? -3.635  -4.346 -7.615  1.00 19.94 ? 15  ARG A CG  1 
ATOM   134 C CD  . ARG A 1 15 ? -2.320  -3.918 -8.267  1.00 20.41 ? 15  ARG A CD  1 
ATOM   135 N NE  . ARG A 1 15 ? -2.012  -4.770 -9.416  1.00 20.73 ? 15  ARG A NE  1 
ATOM   136 C CZ  . ARG A 1 15 ? -0.993  -4.526 -10.240 1.00 21.19 ? 15  ARG A CZ  1 
ATOM   137 N NH1 . ARG A 1 15 ? -0.202  -3.480 -10.019 1.00 21.40 ? 15  ARG A NH1 1 
ATOM   138 N NH2 . ARG A 1 15 ? -0.767  -5.334 -11.263 1.00 21.50 ? 15  ARG A NH2 1 
HETATM 139 N N   . NH2 A 1 16 ? -4.400  -7.627 -4.383  1.00 21.35 ? 16  NH2 A N   1 
HETATM 140 S S   . SO4 B 2 .  ? -4.382  -7.170 -11.285 0.50 19.90 ? 101 SO4 A S   1 
HETATM 141 O O1  . SO4 B 2 .  ? -4.579  -6.294 -12.482 0.50 20.11 ? 101 SO4 A O1  1 
HETATM 142 O O2  . SO4 B 2 .  ? -5.016  -6.537 -10.086 0.50 21.85 ? 101 SO4 A O2  1 
HETATM 143 O O3  . SO4 B 2 .  ? -2.917  -7.371 -11.033 0.50 20.45 ? 101 SO4 A O3  1 
HETATM 144 O O4  . SO4 B 2 .  ? -4.975  -8.521 -11.561 0.50 19.22 ? 101 SO4 A O4  1 
HETATM 145 S S   . SO4 C 2 .  ? 0.643   2.905  7.295   0.50 36.80 ? 102 SO4 A S   1 
HETATM 146 O O1  . SO4 C 2 .  ? 0.637   2.514  5.852   0.50 34.96 ? 102 SO4 A O1  1 
HETATM 147 O O2  . SO4 C 2 .  ? 0.309   4.362  7.438   0.50 35.59 ? 102 SO4 A O2  1 
HETATM 148 O O3  . SO4 C 2 .  ? 2.006   2.660  7.870   0.50 35.48 ? 102 SO4 A O3  1 
HETATM 149 O O4  . SO4 C 2 .  ? -0.376  2.099  8.042   0.50 34.47 ? 102 SO4 A O4  1 
HETATM 150 C C1  . SIN D 3 .  ? 9.339   5.350  2.013   1.00 19.39 ? 0   SIN A C1  1 
HETATM 151 O O1  . SIN D 3 .  ? 8.258   5.087  1.478   1.00 19.91 ? 0   SIN A O1  1 
HETATM 152 C C2  . SIN D 3 .  ? 10.346  6.276  1.355   1.00 21.62 ? 0   SIN A C2  1 
HETATM 153 C C3  . SIN D 3 .  ? 10.288  6.205  -0.164  1.00 22.69 ? 0   SIN A C3  1 
HETATM 154 C C4  . SIN D 3 .  ? 10.912  4.967  -0.776  1.00 23.91 ? 0   SIN A C4  1 
HETATM 155 O O3  . SIN D 3 .  ? 10.949  4.909  -2.026  1.00 24.14 ? 0   SIN A O3  1 
HETATM 156 O O4  . SIN D 3 .  ? 11.053  3.947  -0.067  1.00 25.37 ? 0   SIN A O4  1 
HETATM 157 O O   . HOH E 4 .  ? -3.181  3.177  2.392   1.00 14.50 ? 103 HOH A O   1 
HETATM 158 O O   . HOH E 4 .  ? 1.711   8.476  6.536   1.00 16.88 ? 104 HOH A O   1 
HETATM 159 O O   . HOH E 4 .  ? -0.222  12.150 3.765   1.00 14.27 ? 105 HOH A O   1 
HETATM 160 O O   . HOH E 4 .  ? 9.501   7.356  5.276   1.00 19.94 ? 106 HOH A O   1 
HETATM 161 O O   . HOH E 4 .  ? 2.599   -2.971 -9.624  1.00 30.46 ? 107 HOH A O   1 
HETATM 162 O O   . HOH E 4 .  ? -10.020 -4.605 -7.397  1.00 35.55 ? 108 HOH A O   1 
HETATM 163 O O   . HOH E 4 .  ? 10.256  6.973  -3.736  1.00 32.61 ? 109 HOH A O   1 
HETATM 164 O O   . HOH E 4 .  ? -3.283  -5.047 5.568   1.00 48.15 ? 110 HOH A O   1 
HETATM 165 O O   . HOH E 4 .  ? 5.802   1.319  8.138   1.00 46.06 ? 111 HOH A O   1 
HETATM 166 O O   . HOH E 4 .  ? 3.751   -2.443 5.053   1.00 59.09 ? 112 HOH A O   1 
HETATM 167 O O   . HOH E 4 .  ? 11.034  2.255  1.921   1.00 28.27 ? 113 HOH A O   1 
HETATM 168 O O   . HOH E 4 .  ? 12.021  3.809  -4.283  1.00 29.08 ? 114 HOH A O   1 
HETATM 169 O O   . HOH E 4 .  ? -7.213  -8.267 -2.756  1.00 34.15 ? 115 HOH A O   1 
HETATM 170 O O   . HOH E 4 .  ? 1.902   -4.797 -12.620 1.00 42.77 ? 116 HOH A O   1 
HETATM 171 O O   . HOH E 4 .  ? 9.803   5.476  -5.977  1.00 26.96 ? 117 HOH A O   1 
HETATM 172 O O   . HOH E 4 .  ? 10.620  9.939  3.455   0.50 28.72 ? 118 HOH A O   1 
HETATM 173 O O   . HOH E 4 .  ? -2.042  -6.460 -14.161 1.00 47.74 ? 119 HOH A O   1 
HETATM 174 O O   . HOH E 4 .  ? 8.231   9.277  -2.728  0.50 45.83 ? 120 HOH A O   1 
HETATM 175 O O   . HOH E 4 .  ? 2.842   4.709  6.139   1.00 35.83 ? 121 HOH A O   1 
HETATM 176 O O   . HOH E 4 .  ? 13.994  1.530  2.140   0.50 23.16 ? 122 HOH A O   1 
HETATM 177 O O   . HOH E 4 .  ? 13.347  2.916  -0.542  1.00 32.46 ? 123 HOH A O   1 
HETATM 178 O O   . HOH E 4 .  ? 7.796   -2.041 7.232   1.00 39.93 ? 124 HOH A O   1 
HETATM 179 O O   . HOH E 4 .  ? -10.365 -2.400 -4.874  1.00 60.48 ? 125 HOH A O   1 
# 
loop_
_atom_site_anisotrop.id 
_atom_site_anisotrop.type_symbol 
_atom_site_anisotrop.pdbx_label_atom_id 
_atom_site_anisotrop.pdbx_label_alt_id 
_atom_site_anisotrop.pdbx_label_comp_id 
_atom_site_anisotrop.pdbx_label_asym_id 
_atom_site_anisotrop.pdbx_label_seq_id 
_atom_site_anisotrop.pdbx_PDB_ins_code 
_atom_site_anisotrop.U[1][1] 
_atom_site_anisotrop.U[2][2] 
_atom_site_anisotrop.U[3][3] 
_atom_site_anisotrop.U[1][2] 
_atom_site_anisotrop.U[1][3] 
_atom_site_anisotrop.U[2][3] 
_atom_site_anisotrop.pdbx_auth_seq_id 
_atom_site_anisotrop.pdbx_auth_comp_id 
_atom_site_anisotrop.pdbx_auth_asym_id 
_atom_site_anisotrop.pdbx_auth_atom_id 
1   N N   . GLU A 1  ? 0.1467 0.2540 0.2955 -0.0597 -0.0329 -0.0369 1   GLU A N   
2   C CA  . GLU A 1  ? 0.1363 0.2306 0.2779 -0.0384 -0.0379 -0.0289 1   GLU A CA  
3   C C   . GLU A 1  ? 0.1270 0.2006 0.2518 -0.0467 -0.0357 -0.0398 1   GLU A C   
4   O O   . GLU A 1  ? 0.1131 0.2094 0.2180 -0.0451 -0.0450 -0.0447 1   GLU A O   
5   C CB  . GLU A 1  ? 0.1448 0.2438 0.2776 -0.0395 -0.0424 -0.0403 1   GLU A CB  
6   C CG  . GLU A 1  ? 0.1792 0.2641 0.3087 -0.0509 -0.0468 -0.0129 1   GLU A CG  
7   C CD  . GLU A 1  ? 0.1960 0.2745 0.3202 -0.0509 -0.0506 -0.0248 1   GLU A CD  
8   O OE1 . GLU A 1  ? 0.2174 0.3087 0.3628 -0.0420 -0.0378 -0.0456 1   GLU A OE1 
9   O OE2 . GLU A 1  ? 0.2051 0.2899 0.3258 -0.0624 -0.0505 -0.0232 1   GLU A OE2 
10  N N   . GLU A 2  ? 0.1119 0.2073 0.2613 -0.0299 -0.0366 -0.0411 2   GLU A N   
11  C CA  . GLU A 2  ? 0.1117 0.2268 0.2312 -0.0328 -0.0219 -0.0495 2   GLU A CA  
12  C C   . GLU A 2  ? 0.1058 0.2018 0.2188 -0.0361 -0.0188 -0.0324 2   GLU A C   
13  O O   . GLU A 2  ? 0.0897 0.2044 0.2333 -0.0192 -0.0235 -0.0436 2   GLU A O   
14  C CB  . GLU A 2  ? 0.1109 0.2289 0.2758 -0.0361 -0.0142 -0.0439 2   GLU A CB  
15  C CG  . GLU A 2  ? 0.1234 0.2516 0.2793 -0.0256 0.0034  -0.0404 2   GLU A CG  
16  C CD  . GLU A 2  ? 0.1331 0.2528 0.2765 -0.0465 0.0047  -0.0310 2   GLU A CD  
17  O OE1 . GLU A 2  ? 0.1609 0.2492 0.2974 -0.0688 0.0032  -0.0196 2   GLU A OE1 
18  O OE2 . GLU A 2  ? 0.1492 0.2386 0.2678 -0.0385 0.0162  -0.0197 2   GLU A OE2 
19  N N   . LEU A 3  ? 0.1085 0.1958 0.2124 -0.0381 -0.0294 -0.0294 3   LEU A N   
20  C CA  . LEU A 3  ? 0.1105 0.1822 0.2028 -0.0445 -0.0242 -0.0133 3   LEU A CA  
21  C C   . LEU A 3  ? 0.0833 0.1664 0.2099 -0.0448 -0.0261 0.0031  3   LEU A C   
22  O O   . LEU A 3  ? 0.0891 0.1907 0.2122 -0.0547 -0.0357 0.0003  3   LEU A O   
23  C CB  . LEU A 3  ? 0.1036 0.1646 0.2234 -0.0551 -0.0226 -0.0146 3   LEU A CB  
24  C CG  . LEU A 3  ? 0.1217 0.1706 0.2466 -0.0451 -0.0164 -0.0266 3   LEU A CG  
25  C CD1 . LEU A 3  ? 0.1450 0.1869 0.2685 -0.0585 -0.0133 -0.0117 3   LEU A CD1 
26  C CD2 . LEU A 3  ? 0.1157 0.1829 0.2613 -0.0395 -0.0243 -0.0273 3   LEU A CD2 
27  N N   . ARG A 4  ? 0.0881 0.1462 0.2155 -0.0374 -0.0104 -0.0204 4   ARG A N   
28  C CA  . ARG A 4  ? 0.0580 0.1389 0.2244 -0.0485 -0.0190 -0.0065 4   ARG A CA  
29  C C   . ARG A 4  ? 0.0738 0.1591 0.2066 -0.0532 -0.0174 -0.0007 4   ARG A C   
30  O O   . ARG A 4  ? 0.0688 0.1375 0.2553 -0.0610 -0.0174 0.0049  4   ARG A O   
31  C CB  . ARG A 4  ? 0.0690 0.1582 0.2543 -0.0281 -0.0175 -0.0092 4   ARG A CB  
32  C CG  . ARG A 4  ? 0.0698 0.1655 0.2585 -0.0276 -0.0117 -0.0240 4   ARG A CG  
33  C CD  . ARG A 4  ? 0.0786 0.2144 0.2865 -0.0276 -0.0278 -0.0161 4   ARG A CD  
34  N NE  . ARG A 4  ? 0.0948 0.2311 0.2849 -0.0392 -0.0172 -0.0239 4   ARG A NE  
35  C CZ  . ARG A 4  ? 0.0976 0.2177 0.2837 -0.0332 -0.0259 -0.0357 4   ARG A CZ  
36  N NH1 . ARG A 4  ? 0.0895 0.2068 0.2610 -0.0210 -0.0314 -0.0324 4   ARG A NH1 
37  N NH2 . ARG A 4  ? 0.1204 0.2469 0.3184 -0.0530 -0.0102 -0.0394 4   ARG A NH2 
38  N N   . ARG A 5  ? 0.0724 0.1807 0.2038 -0.0432 -0.0217 0.0030  5   ARG A N   
39  C CA  . ARG A 5  ? 0.0728 0.2125 0.2421 -0.0618 -0.0204 0.0038  5   ARG A CA  
40  C C   . ARG A 5  ? 0.0711 0.1857 0.2232 -0.0425 -0.0114 -0.0108 5   ARG A C   
41  O O   . ARG A 5  ? 0.0853 0.1773 0.2218 -0.0452 -0.0235 -0.0009 5   ARG A O   
42  C CB  . ARG A 5  ? 0.1234 0.2766 0.2505 -0.0764 -0.0258 0.0085  5   ARG A CB  
43  C CG  . ARG A 5  ? 0.1909 0.3651 0.3291 -0.1160 0.0050  0.0401  5   ARG A CG  
44  N N   . ARG A 6  ? 0.0670 0.1812 0.2175 -0.0615 -0.0088 -0.0093 6   ARG A N   
45  C CA  . ARG A 6  ? 0.0815 0.1757 0.1960 -0.0393 -0.0153 -0.0243 6   ARG A CA  
46  C C   . ARG A 6  ? 0.0614 0.1501 0.1906 -0.0504 -0.0177 -0.0156 6   ARG A C   
47  O O   . ARG A 6  ? 0.0520 0.1487 0.1993 -0.0470 -0.0021 -0.0106 6   ARG A O   
48  C CB  . ARG A 6  ? 0.0874 0.1793 0.2093 -0.0411 -0.0283 -0.0245 6   ARG A CB  
49  C CG  . ARG A 6  ? 0.1298 0.1677 0.2105 -0.0452 -0.0198 -0.0308 6   ARG A CG  
50  C CD  . ARG A 6  ? 0.1378 0.1650 0.2088 -0.0430 -0.0308 -0.0259 6   ARG A CD  
51  N NE  . ARG A 6  ? 0.1310 0.1629 0.1968 -0.0360 -0.0152 -0.0257 6   ARG A NE  
52  C CZ  . ARG A 6  ? 0.1148 0.1593 0.1870 -0.0408 -0.0107 -0.0355 6   ARG A CZ  
53  N NH1 . ARG A 6  ? 0.0983 0.1815 0.1859 -0.0345 -0.0049 -0.0417 6   ARG A NH1 
54  N NH2 . ARG A 6  ? 0.1240 0.1773 0.1940 -0.0414 -0.0170 -0.0326 6   ARG A NH2 
55  N N   . ILE A 7  ? 0.0622 0.1367 0.1697 -0.0356 -0.0205 -0.0291 7   ILE A N   
56  C CA  . ILE A 7  ? 0.0572 0.1385 0.1653 -0.0458 -0.0050 -0.0243 7   ILE A CA  
57  C C   . ILE A 7  ? 0.0676 0.1358 0.1864 -0.0380 -0.0243 -0.0147 7   ILE A C   
58  O O   . ILE A 7  ? 0.0820 0.1375 0.2001 -0.0589 -0.0219 -0.0172 7   ILE A O   
59  C CB  . ILE A 7  ? 0.0660 0.1293 0.1733 -0.0558 -0.0005 -0.0219 7   ILE A CB  
60  C CG1 . ILE A 7  ? 0.0654 0.1427 0.1922 -0.0465 -0.0106 -0.0019 7   ILE A CG1 
61  C CG2 . ILE A 7  ? 0.0645 0.1495 0.1903 -0.0520 -0.0227 -0.0336 7   ILE A CG2 
62  C CD1 . ILE A 7  ? 0.0832 0.1601 0.2135 -0.0638 0.0011  0.0015  7   ILE A CD1 
63  N N   . GLU A 8  ? 0.0675 0.1182 0.1994 -0.0283 -0.0099 0.0032  8   GLU A N   
64  C CA  . GLU A 8  ? 0.0663 0.1242 0.2017 -0.0439 -0.0135 0.0126  8   GLU A CA  
65  C C   . GLU A 8  ? 0.0718 0.1530 0.2074 -0.0486 -0.0050 0.0043  8   GLU A C   
66  O O   . GLU A 8  ? 0.0774 0.1612 0.2375 -0.0536 -0.0171 0.0042  8   GLU A O   
67  C CB  . GLU A 8  ? 0.0764 0.1541 0.1969 -0.0305 -0.0095 0.0185  8   GLU A CB  
68  C CG  . GLU A 8  ? 0.0757 0.1605 0.2136 -0.0448 -0.0092 -0.0094 8   GLU A CG  
69  C CD  . GLU A 8  ? 0.0844 0.1573 0.2277 -0.0384 -0.0188 -0.0071 8   GLU A CD  
70  O OE1 . GLU A 8  ? 0.0744 0.2079 0.2361 -0.0433 -0.0240 -0.0156 8   GLU A OE1 
71  O OE2 . GLU A 8  ? 0.0929 0.1550 0.2671 -0.0328 -0.0131 -0.0077 8   GLU A OE2 
72  N N   . GLU A 9  ? 0.0708 0.1708 0.2230 -0.0526 0.0078  -0.0045 9   GLU A N   
73  C CA  . GLU A 9  ? 0.0861 0.1958 0.2372 -0.0660 0.0128  0.0059  9   GLU A CA  
74  C C   . GLU A 9  ? 0.0941 0.1730 0.2453 -0.0606 0.0037  0.0058  9   GLU A C   
75  O O   . GLU A 9  ? 0.0833 0.1868 0.2729 -0.0606 -0.0038 0.0074  9   GLU A O   
76  C CB  . GLU A 9  ? 0.1343 0.2279 0.2600 -0.0658 0.0132  -0.0167 9   GLU A CB  
77  C CG  . GLU A 9  ? 0.1826 0.3208 0.3047 -0.0606 -0.0243 -0.0132 9   GLU A CG  
78  C CD  . GLU A 9  ? 0.2635 0.3402 0.3662 -0.0599 -0.0256 0.0076  9   GLU A CD  
79  O OE1 . GLU A 9  ? 0.2921 0.3681 0.4008 -0.0800 -0.0319 -0.0022 9   GLU A OE1 
80  O OE2 . GLU A 9  ? 0.3001 0.3955 0.4051 -0.0471 -0.0546 0.0207  9   GLU A OE2 
81  N N   . LEU A 10 ? 0.0839 0.1701 0.2255 -0.0465 -0.0100 0.0009  10  LEU A N   
82  C CA  . LEU A 10 ? 0.0793 0.1584 0.2232 -0.0529 -0.0071 -0.0017 10  LEU A CA  
83  C C   . LEU A 10 ? 0.0661 0.1502 0.2303 -0.0603 -0.0073 -0.0010 10  LEU A C   
84  O O   . LEU A 10 ? 0.0884 0.1685 0.2590 -0.0699 -0.0278 0.0092  10  LEU A O   
85  C CB  . LEU A 10 ? 0.0939 0.1539 0.2404 -0.0560 -0.0068 -0.0039 10  LEU A CB  
86  C CG  . LEU A 10 ? 0.0828 0.1765 0.2483 -0.0481 0.0093  -0.0193 10  LEU A CG  
87  C CD1 . LEU A 10 ? 0.1074 0.1788 0.2536 -0.0495 -0.0035 -0.0060 10  LEU A CD1 
88  C CD2 . LEU A 10 ? 0.0869 0.2140 0.3036 -0.0398 0.0041  -0.0186 10  LEU A CD2 
89  N N   . GLU A 11 ? 0.0794 0.1508 0.2375 -0.0450 -0.0076 -0.0141 11  GLU A N   
90  C CA  . GLU A 11 ? 0.0925 0.1529 0.2193 -0.0541 -0.0167 -0.0125 11  GLU A CA  
91  C C   . GLU A 11 ? 0.1026 0.1590 0.2401 -0.0631 -0.0266 -0.0119 11  GLU A C   
92  O O   . GLU A 11 ? 0.1137 0.1473 0.2457 -0.0592 -0.0288 -0.0232 11  GLU A O   
93  C CB  . GLU A 11 ? 0.0951 0.1604 0.2092 -0.0464 -0.0162 -0.0012 11  GLU A CB  
94  C CG  . GLU A 11 ? 0.1090 0.1561 0.2178 -0.0490 -0.0183 0.0040  11  GLU A CG  
95  C CD  . GLU A 11 ? 0.1067 0.1421 0.1958 -0.0493 -0.0251 -0.0041 11  GLU A CD  
96  O OE1 . GLU A 11 ? 0.1092 0.1776 0.2136 -0.0475 -0.0273 0.0128  11  GLU A OE1 
97  O OE2 . GLU A 11 ? 0.1189 0.1640 0.2103 -0.0678 -0.0293 0.0035  11  GLU A OE2 
98  N N   . ARG A 12 ? 0.1255 0.1864 0.2489 -0.0716 -0.0251 0.0076  12  ARG A N   
99  C CA  . ARG A 12 ? 0.1412 0.2086 0.2652 -0.0795 -0.0196 0.0184  12  ARG A CA  
100 C C   . ARG A 12 ? 0.1435 0.2369 0.2997 -0.0889 -0.0206 0.0125  12  ARG A C   
101 O O   . ARG A 12 ? 0.1939 0.2470 0.3379 -0.1050 -0.0336 -0.0005 12  ARG A O   
102 C CB  . ARG A 12 ? 0.1203 0.1883 0.2571 -0.0685 -0.0098 0.0234  12  ARG A CB  
103 C CG  . ARG A 12 ? 0.1272 0.2012 0.2468 -0.0512 -0.0140 0.0100  12  ARG A CG  
104 C CD  . ARG A 12 ? 0.1163 0.1843 0.2451 -0.0417 -0.0145 0.0037  12  ARG A CD  
105 N NE  . ARG A 12 ? 0.1094 0.1864 0.2591 -0.0480 -0.0146 0.0055  12  ARG A NE  
106 C CZ  . ARG A 12 ? 0.1043 0.1684 0.2449 -0.0421 -0.0201 0.0254  12  ARG A CZ  
107 N NH1 . ARG A 12 ? 0.1075 0.1603 0.2837 -0.0582 -0.0227 0.0182  12  ARG A NH1 
108 N NH2 . ARG A 12 ? 0.1108 0.1620 0.2650 -0.0451 -0.0207 0.0437  12  ARG A NH2 
109 N N   . ARG A 13 ? 0.1502 0.2397 0.3074 -0.0862 -0.0194 0.0078  13  ARG A N   
110 C CA  . ARG A 13 ? 0.1554 0.2823 0.3167 -0.0787 -0.0212 0.0156  13  ARG A CA  
111 C C   . ARG A 13 ? 0.1751 0.3173 0.3206 -0.0748 -0.0282 0.0086  13  ARG A C   
112 O O   . ARG A 13 ? 0.2129 0.3400 0.3724 -0.1029 -0.0278 0.0091  13  ARG A O   
113 C CB  . ARG A 13 ? 0.1622 0.2995 0.3457 -0.0683 -0.0040 0.0051  13  ARG A CB  
114 C CG  . ARG A 13 ? 0.1827 0.3038 0.3430 -0.0726 0.0137  -0.0125 13  ARG A CG  
115 C CD  . ARG A 13 ? 0.2172 0.3065 0.3691 -0.0776 0.0152  -0.0214 13  ARG A CD  
116 N NE  . ARG A 13 ? 0.2203 0.2856 0.3622 -0.0939 0.0355  -0.0284 13  ARG A NE  
117 C CZ  . ARG A 13 ? 0.2326 0.3121 0.3854 -0.0903 0.0229  -0.0225 13  ARG A CZ  
118 N NH1 . ARG A 13 ? 0.2610 0.3331 0.3899 -0.1179 0.0245  -0.0305 13  ARG A NH1 
119 N NH2 . ARG A 13 ? 0.2344 0.3084 0.3892 -0.0894 0.0310  -0.0149 13  ARG A NH2 
120 N N   . ILE A 14 ? 0.1939 0.3070 0.3020 -0.0651 -0.0278 0.0029  14  ILE A N   
121 C CA  . ILE A 14 ? 0.1891 0.3044 0.2974 -0.0631 -0.0213 -0.0112 14  ILE A CA  
122 C C   . ILE A 14 ? 0.1883 0.2893 0.3036 -0.0618 -0.0271 -0.0078 14  ILE A C   
123 O O   . ILE A 14 ? 0.2107 0.2883 0.3057 -0.0732 -0.0214 -0.0270 14  ILE A O   
124 C CB  . ILE A 14 ? 0.2077 0.3107 0.3015 -0.0670 -0.0191 -0.0102 14  ILE A CB  
125 C CG1 . ILE A 14 ? 0.2104 0.3173 0.3312 -0.0656 -0.0118 -0.0185 14  ILE A CG1 
126 C CG2 . ILE A 14 ? 0.2061 0.3238 0.2988 -0.0594 -0.0161 -0.0107 14  ILE A CG2 
127 C CD1 . ILE A 14 ? 0.2546 0.3344 0.3665 -0.0905 -0.0120 -0.0298 14  ILE A CD1 
128 N N   . ARG A 15 ? 0.1845 0.2609 0.3101 -0.0596 -0.0120 -0.0015 15  ARG A N   
129 C CA  . ARG A 15 ? 0.1969 0.2520 0.2985 -0.0618 -0.0200 -0.0019 15  ARG A CA  
130 C C   . ARG A 15 ? 0.1834 0.2541 0.3014 -0.0711 -0.0160 0.0077  15  ARG A C   
131 O O   . ARG A 15 ? 0.1788 0.2540 0.2856 -0.0891 -0.0212 0.0106  15  ARG A O   
132 C CB  . ARG A 15 ? 0.1905 0.2364 0.2938 -0.0483 -0.0203 0.0032  15  ARG A CB  
133 C CG  . ARG A 15 ? 0.2048 0.2468 0.3061 -0.0459 -0.0202 0.0148  15  ARG A CG  
134 C CD  . ARG A 15 ? 0.2072 0.2580 0.3104 -0.0435 -0.0141 0.0158  15  ARG A CD  
135 N NE  . ARG A 15 ? 0.2122 0.2673 0.3079 -0.0396 -0.0185 0.0153  15  ARG A NE  
136 C CZ  . ARG A 15 ? 0.2198 0.2705 0.3149 -0.0377 -0.0135 0.0215  15  ARG A CZ  
137 N NH1 . ARG A 15 ? 0.2205 0.2652 0.3273 -0.0364 -0.0136 0.0254  15  ARG A NH1 
138 N NH2 . ARG A 15 ? 0.2387 0.2751 0.3032 -0.0383 -0.0192 0.0268  15  ARG A NH2 
139 N N   . NH2 A 16 ? 0.2142 0.2865 0.3104 -0.0740 -0.0271 0.0000  16  NH2 A N   
140 S S   . SO4 B .  ? 0.2039 0.2576 0.2947 -0.0295 0.0128  0.0002  101 SO4 A S   
141 O O1  . SO4 B .  ? 0.2135 0.2520 0.2986 -0.0342 0.0033  0.0004  101 SO4 A O1  
142 O O2  . SO4 B .  ? 0.2343 0.2875 0.3085 -0.0313 0.0148  -0.0182 101 SO4 A O2  
143 O O3  . SO4 B .  ? 0.2061 0.2567 0.3142 -0.0358 0.0004  -0.0022 101 SO4 A O3  
144 O O4  . SO4 B .  ? 0.1908 0.2577 0.2817 -0.0232 0.0017  -0.0042 101 SO4 A O4  
145 S S   . SO4 C .  ? 0.3907 0.4859 0.5219 -0.0546 -0.0269 0.0155  102 SO4 A S   
146 O O1  . SO4 C .  ? 0.3668 0.4573 0.5042 -0.0567 -0.0166 0.0259  102 SO4 A O1  
147 O O2  . SO4 C .  ? 0.3750 0.4678 0.5093 -0.0582 -0.0239 0.0311  102 SO4 A O2  
148 O O3  . SO4 C .  ? 0.3728 0.4666 0.5088 -0.0605 -0.0213 0.0265  102 SO4 A O3  
149 O O4  . SO4 C .  ? 0.3588 0.4499 0.5010 -0.0706 -0.0095 0.0366  102 SO4 A O4  
150 C C1  . SIN D .  ? 0.1621 0.2728 0.3019 -0.0607 -0.0365 -0.0320 0   SIN A C1  
151 O O1  . SIN D .  ? 0.1633 0.2891 0.3039 -0.0754 -0.0351 -0.0335 0   SIN A O1  
152 C C2  . SIN D .  ? 0.1820 0.2983 0.3412 -0.0764 -0.0283 -0.0249 0   SIN A C2  
153 C C3  . SIN D .  ? 0.2006 0.3161 0.3455 -0.0794 -0.0246 -0.0248 0   SIN A C3  
154 C C4  . SIN D .  ? 0.2118 0.3211 0.3758 -0.0752 -0.0211 -0.0282 0   SIN A C4  
155 O O3  . SIN D .  ? 0.1996 0.3400 0.3777 -0.0784 -0.0194 -0.0352 0   SIN A O3  
156 O O4  . SIN D .  ? 0.2467 0.3145 0.4028 -0.0641 -0.0407 -0.0307 0   SIN A O4  
157 O O   . HOH E .  ? 0.0800 0.2088 0.2622 -0.0520 -0.0202 -0.0359 103 HOH A O   
158 O O   . HOH E .  ? 0.1036 0.2200 0.3176 -0.0521 -0.0513 0.0066  104 HOH A O   
159 O O   . HOH E .  ? 0.1306 0.1925 0.2191 -0.0328 0.0242  -0.0124 105 HOH A O   
160 O O   . HOH E .  ? 0.1411 0.2989 0.3177 -0.0612 -0.0001 -0.0559 106 HOH A O   
161 O O   . HOH E .  ? 0.3588 0.4009 0.3976 -0.0761 -0.0429 -0.0013 107 HOH A O   
162 O O   . HOH E .  ? 0.3404 0.4608 0.5497 -0.0714 -0.0436 -0.0019 108 HOH A O   
163 O O   . HOH E .  ? 0.3863 0.4370 0.4157 -0.0588 0.0081  0.0401  109 HOH A O   
164 O O   . HOH E .  ? 0.5371 0.6470 0.6454 -0.0747 0.0001  -0.0259 110 HOH A O   
165 O O   . HOH E .  ? 0.5286 0.6089 0.6125 -0.0716 -0.0012 0.0134  111 HOH A O   
166 O O   . HOH E .  ? 0.6657 0.7723 0.8071 -0.0794 -0.0212 -0.0031 112 HOH A O   
167 O O   . HOH E .  ? 0.2718 0.3734 0.4289 -0.0820 -0.0232 -0.0558 113 HOH A O   
168 O O   . HOH E .  ? 0.3028 0.3241 0.4779 -0.0615 -0.0465 0.0499  114 HOH A O   
169 O O   . HOH E .  ? 0.3533 0.4895 0.4545 -0.0434 0.0294  0.0073  115 HOH A O   
170 O O   . HOH E .  ? 0.4912 0.5455 0.5884 -0.0312 0.0011  0.0108  116 HOH A O   
171 O O   . HOH E .  ? 0.2838 0.3678 0.3728 -0.1537 0.0296  0.0287  117 HOH A O   
172 O O   . HOH E .  ? 0.3132 0.3755 0.4026 -0.0285 -0.0134 -0.0022 118 HOH A O   
173 O O   . HOH E .  ? 0.5271 0.6247 0.6619 -0.0389 -0.0027 -0.0266 119 HOH A O   
174 O O   . HOH E .  ? 0.5046 0.6056 0.6310 -0.0658 -0.0157 -0.0030 120 HOH A O   
175 O O   . HOH E .  ? 0.3530 0.6445 0.3638 -0.1300 -0.0619 -0.0399 121 HOH A O   
176 O O   . HOH E .  ? 0.2656 0.2786 0.3358 -0.0234 -0.0189 -0.0275 122 HOH A O   
177 O O   . HOH E .  ? 0.4223 0.3578 0.4531 -0.0374 -0.0033 -0.0131 123 HOH A O   
178 O O   . HOH E .  ? 0.4413 0.5431 0.5328 -0.1013 -0.0214 -0.0183 124 HOH A O   
179 O O   . HOH E .  ? 0.6577 0.8004 0.8399 -0.0892 -0.0216 -0.0091 125 HOH A O   
# 
loop_
_pdbx_poly_seq_scheme.asym_id 
_pdbx_poly_seq_scheme.entity_id 
_pdbx_poly_seq_scheme.seq_id 
_pdbx_poly_seq_scheme.mon_id 
_pdbx_poly_seq_scheme.ndb_seq_num 
_pdbx_poly_seq_scheme.pdb_seq_num 
_pdbx_poly_seq_scheme.auth_seq_num 
_pdbx_poly_seq_scheme.pdb_mon_id 
_pdbx_poly_seq_scheme.auth_mon_id 
_pdbx_poly_seq_scheme.pdb_strand_id 
_pdbx_poly_seq_scheme.pdb_ins_code 
_pdbx_poly_seq_scheme.hetero 
A 1 1  GLU 1  1  1  GLU GLU A . n 
A 1 2  GLU 2  2  2  GLU GLU A . n 
A 1 3  LEU 3  3  3  LEU LEU A . n 
A 1 4  ARG 4  4  4  ARG ARG A . n 
A 1 5  ARG 5  5  5  ARG ARG A . n 
A 1 6  ARG 6  6  6  ARG ARG A . n 
A 1 7  ILE 7  7  7  ILE ILE A . n 
A 1 8  GLU 8  8  8  GLU GLU A . n 
A 1 9  GLU 9  9  9  GLU GLU A . n 
A 1 10 LEU 10 10 10 LEU LEU A . n 
A 1 11 GLU 11 11 11 GLU GLU A . n 
A 1 12 ARG 12 12 12 ARG ARG A . n 
A 1 13 ARG 13 13 13 ARG ARG A . n 
A 1 14 ILE 14 14 14 ILE ILE A . n 
A 1 15 ARG 15 15 15 ARG ARG A . n 
A 1 16 NH2 16 16 16 NH2 NH2 A . n 
# 
loop_
_pdbx_nonpoly_scheme.asym_id 
_pdbx_nonpoly_scheme.entity_id 
_pdbx_nonpoly_scheme.mon_id 
_pdbx_nonpoly_scheme.ndb_seq_num 
_pdbx_nonpoly_scheme.pdb_seq_num 
_pdbx_nonpoly_scheme.auth_seq_num 
_pdbx_nonpoly_scheme.pdb_mon_id 
_pdbx_nonpoly_scheme.auth_mon_id 
_pdbx_nonpoly_scheme.pdb_strand_id 
_pdbx_nonpoly_scheme.pdb_ins_code 
B 2 SO4 1  101 101 SO4 SO4 A . 
C 2 SO4 1  102 102 SO4 SO4 A . 
D 3 SIN 1  0   0   SIN SIN A . 
E 4 HOH 1  103 1   HOH HOH A . 
E 4 HOH 2  104 2   HOH HOH A . 
E 4 HOH 3  105 3   HOH HOH A . 
E 4 HOH 4  106 4   HOH HOH A . 
E 4 HOH 5  107 5   HOH HOH A . 
E 4 HOH 6  108 6   HOH HOH A . 
E 4 HOH 7  109 7   HOH HOH A . 
E 4 HOH 8  110 8   HOH HOH A . 
E 4 HOH 9  111 9   HOH HOH A . 
E 4 HOH 10 112 10  HOH HOH A . 
E 4 HOH 11 113 11  HOH HOH A . 
E 4 HOH 12 114 12  HOH HOH A . 
E 4 HOH 13 115 13  HOH HOH A . 
E 4 HOH 14 116 14  HOH HOH A . 
E 4 HOH 15 117 15  HOH HOH A . 
E 4 HOH 16 118 16  HOH HOH A . 
E 4 HOH 17 119 17  HOH HOH A . 
E 4 HOH 18 120 18  HOH HOH A . 
E 4 HOH 19 121 19  HOH HOH A . 
E 4 HOH 20 122 20  HOH HOH A . 
E 4 HOH 21 123 21  HOH HOH A . 
E 4 HOH 22 124 22  HOH HOH A . 
E 4 HOH 23 125 24  HOH HOH A . 
# 
_pdbx_struct_assembly.id                   1 
_pdbx_struct_assembly.details              author_defined_assembly 
_pdbx_struct_assembly.method_details       ? 
_pdbx_struct_assembly.oligomeric_details   trimeric 
_pdbx_struct_assembly.oligomeric_count     3 
# 
_pdbx_struct_assembly_gen.assembly_id       1 
_pdbx_struct_assembly_gen.oper_expression   1,2,3 
_pdbx_struct_assembly_gen.asym_id_list      A,B,C,D,E 
# 
loop_
_pdbx_struct_oper_list.id 
_pdbx_struct_oper_list.type 
_pdbx_struct_oper_list.name 
_pdbx_struct_oper_list.symmetry_operation 
_pdbx_struct_oper_list.matrix[1][1] 
_pdbx_struct_oper_list.matrix[1][2] 
_pdbx_struct_oper_list.matrix[1][3] 
_pdbx_struct_oper_list.vector[1] 
_pdbx_struct_oper_list.matrix[2][1] 
_pdbx_struct_oper_list.matrix[2][2] 
_pdbx_struct_oper_list.matrix[2][3] 
_pdbx_struct_oper_list.vector[2] 
_pdbx_struct_oper_list.matrix[3][1] 
_pdbx_struct_oper_list.matrix[3][2] 
_pdbx_struct_oper_list.matrix[3][3] 
_pdbx_struct_oper_list.vector[3] 
1 'identity operation'         1_555 x,y,z         1.0000000000 0.0000000000 0.0000000000  0.0000000000  0.0000000000 1.0000000000  0.0000000000  0.0000000000 0.0000000000  0.0000000000  1.0000000000  0.0000000000   
2 'crystal symmetry operation' 2_765 -y+2,x-y+1,z  0.7038607931 0.6701147354 -0.2356400334 -4.2675683055 0.4914170435 -0.2198272256 0.8427249137  9.3932110788 0.5129222878  -0.7089585547 -0.4840335675 -2.2915164429  
3 'crystal symmetry operation' 3_675 -x+y+1,-x+2,z 0.7038607931 0.4914170435 0.5129222878  -0.4368401495 0.6701147354 -0.2198272256 -0.7089585547 3.3000537521 -0.2356400334 0.8427249137  -0.4840335675 -10.0306738134 
# 
_pdbx_struct_special_symmetry.id              1 
_pdbx_struct_special_symmetry.PDB_model_num   1 
_pdbx_struct_special_symmetry.auth_asym_id    A 
_pdbx_struct_special_symmetry.auth_comp_id    SO4 
_pdbx_struct_special_symmetry.auth_seq_id     101 
_pdbx_struct_special_symmetry.PDB_ins_code    ? 
_pdbx_struct_special_symmetry.label_asym_id   B 
_pdbx_struct_special_symmetry.label_comp_id   SO4 
_pdbx_struct_special_symmetry.label_seq_id    . 
# 
loop_
_pdbx_audit_revision_history.ordinal 
_pdbx_audit_revision_history.data_content_type 
_pdbx_audit_revision_history.major_revision 
_pdbx_audit_revision_history.minor_revision 
_pdbx_audit_revision_history.revision_date 
1 'Structure model' 1 0 2002-08-07 
2 'Structure model' 1 1 2008-04-28 
3 'Structure model' 1 2 2011-07-13 
4 'Structure model' 1 3 2020-06-24 
5 'Structure model' 1 4 2023-08-16 
# 
_pdbx_audit_revision_details.ordinal             1 
_pdbx_audit_revision_details.revision_ordinal    1 
_pdbx_audit_revision_details.data_content_type   'Structure model' 
_pdbx_audit_revision_details.provider            repository 
_pdbx_audit_revision_details.type                'Initial release' 
_pdbx_audit_revision_details.description         ? 
_pdbx_audit_revision_details.details             ? 
# 
loop_
_pdbx_audit_revision_group.ordinal 
_pdbx_audit_revision_group.revision_ordinal 
_pdbx_audit_revision_group.data_content_type 
_pdbx_audit_revision_group.group 
1 2 'Structure model' 'Version format compliance' 
2 3 'Structure model' 'Version format compliance' 
3 4 'Structure model' 'Database references'       
4 4 'Structure model' 'Derived calculations'      
5 4 'Structure model' 'Source and taxonomy'       
6 5 'Structure model' 'Data collection'           
7 5 'Structure model' 'Database references'       
8 5 'Structure model' 'Derived calculations'      
9 5 'Structure model' 'Refinement description'    
# 
loop_
_pdbx_audit_revision_category.ordinal 
_pdbx_audit_revision_category.revision_ordinal 
_pdbx_audit_revision_category.data_content_type 
_pdbx_audit_revision_category.category 
1  4 'Structure model' pdbx_entity_src_syn           
2  4 'Structure model' struct_conn                   
3  4 'Structure model' struct_ref                    
4  4 'Structure model' struct_ref_seq                
5  5 'Structure model' chem_comp_atom                
6  5 'Structure model' chem_comp_bond                
7  5 'Structure model' database_2                    
8  5 'Structure model' pdbx_initial_refinement_model 
9  5 'Structure model' struct_conn                   
10 5 'Structure model' struct_site                   
# 
loop_
_pdbx_audit_revision_item.ordinal 
_pdbx_audit_revision_item.revision_ordinal 
_pdbx_audit_revision_item.data_content_type 
_pdbx_audit_revision_item.item 
1  4 'Structure model' '_pdbx_entity_src_syn.ncbi_taxonomy_id'    
2  4 'Structure model' '_pdbx_entity_src_syn.organism_scientific' 
3  4 'Structure model' '_pdbx_entity_src_syn.pdbx_beg_seq_num'    
4  4 'Structure model' '_pdbx_entity_src_syn.pdbx_end_seq_num'    
5  4 'Structure model' '_struct_conn.pdbx_leaving_atom_flag'      
6  5 'Structure model' '_database_2.pdbx_DOI'                     
7  5 'Structure model' '_database_2.pdbx_database_accession'      
8  5 'Structure model' '_struct_conn.ptnr1_auth_comp_id'          
9  5 'Structure model' '_struct_conn.ptnr1_auth_seq_id'           
10 5 'Structure model' '_struct_conn.ptnr1_label_asym_id'         
11 5 'Structure model' '_struct_conn.ptnr1_label_atom_id'         
12 5 'Structure model' '_struct_conn.ptnr1_label_comp_id'         
13 5 'Structure model' '_struct_conn.ptnr1_label_seq_id'          
14 5 'Structure model' '_struct_conn.ptnr2_auth_comp_id'          
15 5 'Structure model' '_struct_conn.ptnr2_auth_seq_id'           
16 5 'Structure model' '_struct_conn.ptnr2_label_asym_id'         
17 5 'Structure model' '_struct_conn.ptnr2_label_atom_id'         
18 5 'Structure model' '_struct_conn.ptnr2_label_comp_id'         
19 5 'Structure model' '_struct_conn.ptnr2_label_seq_id'          
20 5 'Structure model' '_struct_site.pdbx_auth_asym_id'           
21 5 'Structure model' '_struct_site.pdbx_auth_comp_id'           
22 5 'Structure model' '_struct_site.pdbx_auth_seq_id'            
# 
loop_
_software.name 
_software.classification 
_software.version 
_software.citation_id 
_software.pdbx_ordinal 
AMoRE     phasing          . ? 1 
REFMAC    refinement       . ? 2 
DENZO     'data reduction' . ? 3 
SCALEPACK 'data scaling'   . ? 4 
# 
loop_
_pdbx_unobs_or_zero_occ_atoms.id 
_pdbx_unobs_or_zero_occ_atoms.PDB_model_num 
_pdbx_unobs_or_zero_occ_atoms.polymer_flag 
_pdbx_unobs_or_zero_occ_atoms.occupancy_flag 
_pdbx_unobs_or_zero_occ_atoms.auth_asym_id 
_pdbx_unobs_or_zero_occ_atoms.auth_comp_id 
_pdbx_unobs_or_zero_occ_atoms.auth_seq_id 
_pdbx_unobs_or_zero_occ_atoms.PDB_ins_code 
_pdbx_unobs_or_zero_occ_atoms.auth_atom_id 
_pdbx_unobs_or_zero_occ_atoms.label_alt_id 
_pdbx_unobs_or_zero_occ_atoms.label_asym_id 
_pdbx_unobs_or_zero_occ_atoms.label_comp_id 
_pdbx_unobs_or_zero_occ_atoms.label_seq_id 
_pdbx_unobs_or_zero_occ_atoms.label_atom_id 
1 1 Y 1 A ARG 5 ? CD  ? A ARG 5 CD  
2 1 Y 1 A ARG 5 ? NE  ? A ARG 5 NE  
3 1 Y 1 A ARG 5 ? CZ  ? A ARG 5 CZ  
4 1 Y 1 A ARG 5 ? NH1 ? A ARG 5 NH1 
5 1 Y 1 A ARG 5 ? NH2 ? A ARG 5 NH2 
# 
loop_
_chem_comp_atom.comp_id 
_chem_comp_atom.atom_id 
_chem_comp_atom.type_symbol 
_chem_comp_atom.pdbx_aromatic_flag 
_chem_comp_atom.pdbx_stereo_config 
_chem_comp_atom.pdbx_ordinal 
ARG N    N N N 1   
ARG CA   C N S 2   
ARG C    C N N 3   
ARG O    O N N 4   
ARG CB   C N N 5   
ARG CG   C N N 6   
ARG CD   C N N 7   
ARG NE   N N N 8   
ARG CZ   C N N 9   
ARG NH1  N N N 10  
ARG NH2  N N N 11  
ARG OXT  O N N 12  
ARG H    H N N 13  
ARG H2   H N N 14  
ARG HA   H N N 15  
ARG HB2  H N N 16  
ARG HB3  H N N 17  
ARG HG2  H N N 18  
ARG HG3  H N N 19  
ARG HD2  H N N 20  
ARG HD3  H N N 21  
ARG HE   H N N 22  
ARG HH11 H N N 23  
ARG HH12 H N N 24  
ARG HH21 H N N 25  
ARG HH22 H N N 26  
ARG HXT  H N N 27  
GLU N    N N N 28  
GLU CA   C N S 29  
GLU C    C N N 30  
GLU O    O N N 31  
GLU CB   C N N 32  
GLU CG   C N N 33  
GLU CD   C N N 34  
GLU OE1  O N N 35  
GLU OE2  O N N 36  
GLU OXT  O N N 37  
GLU H    H N N 38  
GLU H2   H N N 39  
GLU HA   H N N 40  
GLU HB2  H N N 41  
GLU HB3  H N N 42  
GLU HG2  H N N 43  
GLU HG3  H N N 44  
GLU HE2  H N N 45  
GLU HXT  H N N 46  
HOH O    O N N 47  
HOH H1   H N N 48  
HOH H2   H N N 49  
ILE N    N N N 50  
ILE CA   C N S 51  
ILE C    C N N 52  
ILE O    O N N 53  
ILE CB   C N S 54  
ILE CG1  C N N 55  
ILE CG2  C N N 56  
ILE CD1  C N N 57  
ILE OXT  O N N 58  
ILE H    H N N 59  
ILE H2   H N N 60  
ILE HA   H N N 61  
ILE HB   H N N 62  
ILE HG12 H N N 63  
ILE HG13 H N N 64  
ILE HG21 H N N 65  
ILE HG22 H N N 66  
ILE HG23 H N N 67  
ILE HD11 H N N 68  
ILE HD12 H N N 69  
ILE HD13 H N N 70  
ILE HXT  H N N 71  
LEU N    N N N 72  
LEU CA   C N S 73  
LEU C    C N N 74  
LEU O    O N N 75  
LEU CB   C N N 76  
LEU CG   C N N 77  
LEU CD1  C N N 78  
LEU CD2  C N N 79  
LEU OXT  O N N 80  
LEU H    H N N 81  
LEU H2   H N N 82  
LEU HA   H N N 83  
LEU HB2  H N N 84  
LEU HB3  H N N 85  
LEU HG   H N N 86  
LEU HD11 H N N 87  
LEU HD12 H N N 88  
LEU HD13 H N N 89  
LEU HD21 H N N 90  
LEU HD22 H N N 91  
LEU HD23 H N N 92  
LEU HXT  H N N 93  
NH2 N    N N N 94  
NH2 HN1  H N N 95  
NH2 HN2  H N N 96  
SIN C1   C N N 97  
SIN O1   O N N 98  
SIN O2   O N N 99  
SIN C2   C N N 100 
SIN C3   C N N 101 
SIN C4   C N N 102 
SIN O3   O N N 103 
SIN O4   O N N 104 
SIN HO2  H N N 105 
SIN H21  H N N 106 
SIN H22  H N N 107 
SIN H31  H N N 108 
SIN H32  H N N 109 
SIN HO4  H N N 110 
SO4 S    S N N 111 
SO4 O1   O N N 112 
SO4 O2   O N N 113 
SO4 O3   O N N 114 
SO4 O4   O N N 115 
# 
loop_
_chem_comp_bond.comp_id 
_chem_comp_bond.atom_id_1 
_chem_comp_bond.atom_id_2 
_chem_comp_bond.value_order 
_chem_comp_bond.pdbx_aromatic_flag 
_chem_comp_bond.pdbx_stereo_config 
_chem_comp_bond.pdbx_ordinal 
ARG N   CA   sing N N 1   
ARG N   H    sing N N 2   
ARG N   H2   sing N N 3   
ARG CA  C    sing N N 4   
ARG CA  CB   sing N N 5   
ARG CA  HA   sing N N 6   
ARG C   O    doub N N 7   
ARG C   OXT  sing N N 8   
ARG CB  CG   sing N N 9   
ARG CB  HB2  sing N N 10  
ARG CB  HB3  sing N N 11  
ARG CG  CD   sing N N 12  
ARG CG  HG2  sing N N 13  
ARG CG  HG3  sing N N 14  
ARG CD  NE   sing N N 15  
ARG CD  HD2  sing N N 16  
ARG CD  HD3  sing N N 17  
ARG NE  CZ   sing N N 18  
ARG NE  HE   sing N N 19  
ARG CZ  NH1  sing N N 20  
ARG CZ  NH2  doub N N 21  
ARG NH1 HH11 sing N N 22  
ARG NH1 HH12 sing N N 23  
ARG NH2 HH21 sing N N 24  
ARG NH2 HH22 sing N N 25  
ARG OXT HXT  sing N N 26  
GLU N   CA   sing N N 27  
GLU N   H    sing N N 28  
GLU N   H2   sing N N 29  
GLU CA  C    sing N N 30  
GLU CA  CB   sing N N 31  
GLU CA  HA   sing N N 32  
GLU C   O    doub N N 33  
GLU C   OXT  sing N N 34  
GLU CB  CG   sing N N 35  
GLU CB  HB2  sing N N 36  
GLU CB  HB3  sing N N 37  
GLU CG  CD   sing N N 38  
GLU CG  HG2  sing N N 39  
GLU CG  HG3  sing N N 40  
GLU CD  OE1  doub N N 41  
GLU CD  OE2  sing N N 42  
GLU OE2 HE2  sing N N 43  
GLU OXT HXT  sing N N 44  
HOH O   H1   sing N N 45  
HOH O   H2   sing N N 46  
ILE N   CA   sing N N 47  
ILE N   H    sing N N 48  
ILE N   H2   sing N N 49  
ILE CA  C    sing N N 50  
ILE CA  CB   sing N N 51  
ILE CA  HA   sing N N 52  
ILE C   O    doub N N 53  
ILE C   OXT  sing N N 54  
ILE CB  CG1  sing N N 55  
ILE CB  CG2  sing N N 56  
ILE CB  HB   sing N N 57  
ILE CG1 CD1  sing N N 58  
ILE CG1 HG12 sing N N 59  
ILE CG1 HG13 sing N N 60  
ILE CG2 HG21 sing N N 61  
ILE CG2 HG22 sing N N 62  
ILE CG2 HG23 sing N N 63  
ILE CD1 HD11 sing N N 64  
ILE CD1 HD12 sing N N 65  
ILE CD1 HD13 sing N N 66  
ILE OXT HXT  sing N N 67  
LEU N   CA   sing N N 68  
LEU N   H    sing N N 69  
LEU N   H2   sing N N 70  
LEU CA  C    sing N N 71  
LEU CA  CB   sing N N 72  
LEU CA  HA   sing N N 73  
LEU C   O    doub N N 74  
LEU C   OXT  sing N N 75  
LEU CB  CG   sing N N 76  
LEU CB  HB2  sing N N 77  
LEU CB  HB3  sing N N 78  
LEU CG  CD1  sing N N 79  
LEU CG  CD2  sing N N 80  
LEU CG  HG   sing N N 81  
LEU CD1 HD11 sing N N 82  
LEU CD1 HD12 sing N N 83  
LEU CD1 HD13 sing N N 84  
LEU CD2 HD21 sing N N 85  
LEU CD2 HD22 sing N N 86  
LEU CD2 HD23 sing N N 87  
LEU OXT HXT  sing N N 88  
NH2 N   HN1  sing N N 89  
NH2 N   HN2  sing N N 90  
SIN C1  O1   doub N N 91  
SIN C1  O2   sing N N 92  
SIN C1  C2   sing N N 93  
SIN O2  HO2  sing N N 94  
SIN C2  C3   sing N N 95  
SIN C2  H21  sing N N 96  
SIN C2  H22  sing N N 97  
SIN C3  C4   sing N N 98  
SIN C3  H31  sing N N 99  
SIN C3  H32  sing N N 100 
SIN C4  O3   doub N N 101 
SIN C4  O4   sing N N 102 
SIN O4  HO4  sing N N 103 
SO4 S   O1   doub N N 104 
SO4 S   O2   doub N N 105 
SO4 S   O3   sing N N 106 
SO4 S   O4   sing N N 107 
# 
loop_
_pdbx_entity_nonpoly.entity_id 
_pdbx_entity_nonpoly.name 
_pdbx_entity_nonpoly.comp_id 
2 'SULFATE ION'   SO4 
3 'SUCCINIC ACID' SIN 
4 water           HOH 
# 
_pdbx_initial_refinement_model.id               1 
_pdbx_initial_refinement_model.entity_id_list   ? 
_pdbx_initial_refinement_model.type             'experimental model' 
_pdbx_initial_refinement_model.source_name      PDB 
_pdbx_initial_refinement_model.accession_code   1HQJ 
_pdbx_initial_refinement_model.details          'PDB ENTRY 1HQJ' 
# 
